data_1D9R
# 
_entry.id   1D9R 
# 
_audit_conform.dict_name       mmcif_pdbx.dic 
_audit_conform.dict_version    5.386 
_audit_conform.dict_location   http://mmcif.pdb.org/dictionaries/ascii/mmcif_pdbx.dic 
# 
loop_
_database_2.database_id 
_database_2.database_code 
_database_2.pdbx_database_accession 
_database_2.pdbx_DOI 
PDB   1D9R         pdb_00001d9r 10.2210/pdb1d9r/pdb 
NDB   BD0025       ?            ?                   
RCSB  RCSB009921   ?            ?                   
WWPDB D_1000009921 ?            ?                   
# 
loop_
_pdbx_audit_revision_history.ordinal 
_pdbx_audit_revision_history.data_content_type 
_pdbx_audit_revision_history.major_revision 
_pdbx_audit_revision_history.minor_revision 
_pdbx_audit_revision_history.revision_date 
1 'Structure model' 1 0 1999-11-05 
2 'Structure model' 1 1 2008-04-27 
3 'Structure model' 1 2 2011-07-13 
4 'Structure model' 1 3 2019-07-24 
5 'Structure model' 1 4 2024-02-07 
# 
_pdbx_audit_revision_details.ordinal             1 
_pdbx_audit_revision_details.revision_ordinal    1 
_pdbx_audit_revision_details.data_content_type   'Structure model' 
_pdbx_audit_revision_details.provider            repository 
_pdbx_audit_revision_details.type                'Initial release' 
_pdbx_audit_revision_details.description         ? 
_pdbx_audit_revision_details.details             ? 
# 
loop_
_pdbx_audit_revision_group.ordinal 
_pdbx_audit_revision_group.revision_ordinal 
_pdbx_audit_revision_group.data_content_type 
_pdbx_audit_revision_group.group 
1 2 'Structure model' 'Version format compliance' 
2 3 'Structure model' 'Version format compliance' 
3 4 'Structure model' 'Data collection'           
4 4 'Structure model' 'Derived calculations'      
5 4 'Structure model' 'Refinement description'    
6 5 'Structure model' 'Data collection'           
7 5 'Structure model' 'Database references'       
8 5 'Structure model' 'Derived calculations'      
# 
loop_
_pdbx_audit_revision_category.ordinal 
_pdbx_audit_revision_category.revision_ordinal 
_pdbx_audit_revision_category.data_content_type 
_pdbx_audit_revision_category.category 
1 4 'Structure model' software         
2 4 'Structure model' struct_conn      
3 5 'Structure model' chem_comp_atom   
4 5 'Structure model' chem_comp_bond   
5 5 'Structure model' database_2       
6 5 'Structure model' struct_conn      
7 5 'Structure model' struct_conn_type 
8 5 'Structure model' struct_site      
# 
loop_
_pdbx_audit_revision_item.ordinal 
_pdbx_audit_revision_item.revision_ordinal 
_pdbx_audit_revision_item.data_content_type 
_pdbx_audit_revision_item.item 
1  4 'Structure model' '_software.name'                      
2  4 'Structure model' '_struct_conn.pdbx_leaving_atom_flag' 
3  5 'Structure model' '_database_2.pdbx_DOI'                
4  5 'Structure model' '_database_2.pdbx_database_accession' 
5  5 'Structure model' '_struct_conn.conn_type_id'           
6  5 'Structure model' '_struct_conn.id'                     
7  5 'Structure model' '_struct_conn.pdbx_dist_value'        
8  5 'Structure model' '_struct_conn.pdbx_leaving_atom_flag' 
9  5 'Structure model' '_struct_conn.ptnr1_auth_asym_id'     
10 5 'Structure model' '_struct_conn.ptnr1_auth_comp_id'     
11 5 'Structure model' '_struct_conn.ptnr1_auth_seq_id'      
12 5 'Structure model' '_struct_conn.ptnr1_label_asym_id'    
13 5 'Structure model' '_struct_conn.ptnr1_label_atom_id'    
14 5 'Structure model' '_struct_conn.ptnr1_label_comp_id'    
15 5 'Structure model' '_struct_conn.ptnr1_label_seq_id'     
16 5 'Structure model' '_struct_conn.ptnr2_auth_asym_id'     
17 5 'Structure model' '_struct_conn.ptnr2_auth_comp_id'     
18 5 'Structure model' '_struct_conn.ptnr2_auth_seq_id'      
19 5 'Structure model' '_struct_conn.ptnr2_label_asym_id'    
20 5 'Structure model' '_struct_conn.ptnr2_label_atom_id'    
21 5 'Structure model' '_struct_conn.ptnr2_label_comp_id'    
22 5 'Structure model' '_struct_conn.ptnr2_label_seq_id'     
23 5 'Structure model' '_struct_conn.ptnr2_symmetry'         
24 5 'Structure model' '_struct_conn_type.id'                
25 5 'Structure model' '_struct_site.pdbx_auth_asym_id'      
26 5 'Structure model' '_struct_site.pdbx_auth_comp_id'      
27 5 'Structure model' '_struct_site.pdbx_auth_seq_id'       
# 
_pdbx_database_status.status_code                     REL 
_pdbx_database_status.entry_id                        1D9R 
_pdbx_database_status.recvd_initial_deposition_date   1999-10-29 
_pdbx_database_status.deposit_site                    RCSB 
_pdbx_database_status.process_site                    RCSB 
_pdbx_database_status.status_code_sf                  REL 
_pdbx_database_status.SG_entry                        . 
_pdbx_database_status.pdb_format_compatible           Y 
_pdbx_database_status.status_code_mr                  ? 
_pdbx_database_status.status_code_cs                  ? 
_pdbx_database_status.methods_development_category    ? 
_pdbx_database_status.status_code_nmr_data            ? 
# 
_pdbx_database_related.db_name        NDB 
_pdbx_database_related.db_id          BD0024 
_pdbx_database_related.details        'CRYSTAL STRUCTURE OF DNA SHEARED TANDEM G A BASE PAIRS' 
_pdbx_database_related.content_type   unspecified 
# 
loop_
_audit_author.name 
_audit_author.pdbx_ordinal 
'Gao, Y.-G.'     1 
'Robinson, H.'   2 
'Sanishvili, R.' 3 
'Joachimiak, A.' 4 
'Wang, A.H.-J.'  5 
# 
_citation.id                        primary 
_citation.title                     
'Structure and recognition of sheared tandem G x A base pairs associated with human centromere DNA sequence at atomic resolution.' 
_citation.journal_abbrev            Biochemistry 
_citation.journal_volume            38 
_citation.page_first                16452 
_citation.page_last                 16460 
_citation.year                      1999 
_citation.journal_id_ASTM           BICHAW 
_citation.country                   US 
_citation.journal_id_ISSN           0006-2960 
_citation.journal_id_CSD            0033 
_citation.book_publisher            ? 
_citation.pdbx_database_id_PubMed   10600106 
_citation.pdbx_database_id_DOI      10.1021/bi9914614 
# 
loop_
_citation_author.citation_id 
_citation_author.name 
_citation_author.ordinal 
_citation_author.identifier_ORCID 
primary 'Gao, Y.G.'      1 ? 
primary 'Robinson, H.'   2 ? 
primary 'Sanishvili, R.' 3 ? 
primary 'Joachimiak, A.' 4 ? 
primary 'Wang, A.H.'     5 ? 
# 
loop_
_entity.id 
_entity.type 
_entity.src_method 
_entity.pdbx_description 
_entity.formula_weight 
_entity.pdbx_number_of_molecules 
_entity.pdbx_ec 
_entity.pdbx_mutation 
_entity.pdbx_fragment 
_entity.details 
1 polymer     syn "5'-D(*CP*CP*GP*AP*AP*(BRU)P*GP*AP*GP*G)-3'" 3158.913 2   ? ? ? ? 
2 non-polymer syn 'COBALT HEXAMMINE(III)'                      161.116  1   ? ? ? ? 
3 water       nat water                                        18.015   133 ? ? ? ? 
# 
_entity_poly.entity_id                      1 
_entity_poly.type                           polydeoxyribonucleotide 
_entity_poly.nstd_linkage                   no 
_entity_poly.nstd_monomer                   yes 
_entity_poly.pdbx_seq_one_letter_code       '(DC)(DC)(DG)(DA)(DA)(BRU)(DG)(DA)(DG)(DG)' 
_entity_poly.pdbx_seq_one_letter_code_can   CCGAAUGAGG 
_entity_poly.pdbx_strand_id                 A,B 
_entity_poly.pdbx_target_identifier         ? 
# 
loop_
_pdbx_entity_nonpoly.entity_id 
_pdbx_entity_nonpoly.name 
_pdbx_entity_nonpoly.comp_id 
2 'COBALT HEXAMMINE(III)' NCO 
3 water                   HOH 
# 
loop_
_entity_poly_seq.entity_id 
_entity_poly_seq.num 
_entity_poly_seq.mon_id 
_entity_poly_seq.hetero 
1 1  DC  n 
1 2  DC  n 
1 3  DG  n 
1 4  DA  n 
1 5  DA  n 
1 6  BRU n 
1 7  DG  n 
1 8  DA  n 
1 9  DG  n 
1 10 DG  n 
# 
loop_
_chem_comp.id 
_chem_comp.type 
_chem_comp.mon_nstd_flag 
_chem_comp.name 
_chem_comp.pdbx_synonyms 
_chem_comp.formula 
_chem_comp.formula_weight 
BRU 'DNA linking' n "5-BROMO-2'-DEOXYURIDINE-5'-MONOPHOSPHATE" ? 'C9 H12 Br N2 O8 P' 387.078 
DA  'DNA linking' y "2'-DEOXYADENOSINE-5'-MONOPHOSPHATE"       ? 'C10 H14 N5 O6 P'   331.222 
DC  'DNA linking' y "2'-DEOXYCYTIDINE-5'-MONOPHOSPHATE"        ? 'C9 H14 N3 O7 P'    307.197 
DG  'DNA linking' y "2'-DEOXYGUANOSINE-5'-MONOPHOSPHATE"       ? 'C10 H14 N5 O7 P'   347.221 
HOH non-polymer   . WATER                                      ? 'H2 O'              18.015  
NCO non-polymer   . 'COBALT HEXAMMINE(III)'                    ? 'Co H18 N6 3'       161.116 
# 
loop_
_pdbx_poly_seq_scheme.asym_id 
_pdbx_poly_seq_scheme.entity_id 
_pdbx_poly_seq_scheme.seq_id 
_pdbx_poly_seq_scheme.mon_id 
_pdbx_poly_seq_scheme.ndb_seq_num 
_pdbx_poly_seq_scheme.pdb_seq_num 
_pdbx_poly_seq_scheme.auth_seq_num 
_pdbx_poly_seq_scheme.pdb_mon_id 
_pdbx_poly_seq_scheme.auth_mon_id 
_pdbx_poly_seq_scheme.pdb_strand_id 
_pdbx_poly_seq_scheme.pdb_ins_code 
_pdbx_poly_seq_scheme.hetero 
A 1 1  DC  1  1  1  DC  C  A . n 
A 1 2  DC  2  2  2  DC  C  A . n 
A 1 3  DG  3  3  3  DG  G  A . n 
A 1 4  DA  4  4  4  DA  A  A . n 
A 1 5  DA  5  5  5  DA  A  A . n 
A 1 6  BRU 6  6  6  BRU +U A . n 
A 1 7  DG  7  7  7  DG  G  A . n 
A 1 8  DA  8  8  8  DA  A  A . n 
A 1 9  DG  9  9  9  DG  G  A . n 
A 1 10 DG  10 10 10 DG  G  A . n 
B 1 1  DC  1  11 11 DC  C  B . n 
B 1 2  DC  2  12 12 DC  C  B . n 
B 1 3  DG  3  13 13 DG  G  B . n 
B 1 4  DA  4  14 14 DA  A  B . n 
B 1 5  DA  5  15 15 DA  A  B . n 
B 1 6  BRU 6  16 16 BRU +U B . n 
B 1 7  DG  7  17 17 DG  G  B . n 
B 1 8  DA  8  18 18 DA  A  B . n 
B 1 9  DG  9  19 19 DG  G  B . n 
B 1 10 DG  10 20 20 DG  G  B . n 
# 
loop_
_pdbx_nonpoly_scheme.asym_id 
_pdbx_nonpoly_scheme.entity_id 
_pdbx_nonpoly_scheme.mon_id 
_pdbx_nonpoly_scheme.ndb_seq_num 
_pdbx_nonpoly_scheme.pdb_seq_num 
_pdbx_nonpoly_scheme.auth_seq_num 
_pdbx_nonpoly_scheme.pdb_mon_id 
_pdbx_nonpoly_scheme.auth_mon_id 
_pdbx_nonpoly_scheme.pdb_strand_id 
_pdbx_nonpoly_scheme.pdb_ins_code 
C 2 NCO 1  21   21   NCO NCO A . 
D 3 HOH 1  1004 1004 HOH HOH A . 
D 3 HOH 2  1005 1005 HOH HOH A . 
D 3 HOH 3  1008 1008 HOH HOH A . 
D 3 HOH 4  1009 1009 HOH HOH A . 
D 3 HOH 5  1011 1011 HOH HOH A . 
D 3 HOH 6  1012 1012 HOH HOH A . 
D 3 HOH 7  1015 1015 HOH HOH A . 
D 3 HOH 8  1017 1017 HOH HOH A . 
D 3 HOH 9  1018 1018 HOH HOH A . 
D 3 HOH 10 1020 1020 HOH HOH A . 
D 3 HOH 11 1021 1021 HOH HOH A . 
D 3 HOH 12 1029 1029 HOH HOH A . 
D 3 HOH 13 1030 1030 HOH HOH A . 
D 3 HOH 14 1031 1031 HOH HOH A . 
D 3 HOH 15 1035 1035 HOH HOH A . 
D 3 HOH 16 1036 1036 HOH HOH A . 
D 3 HOH 17 1037 1037 HOH HOH A . 
D 3 HOH 18 1038 1038 HOH HOH A . 
D 3 HOH 19 1039 1039 HOH HOH A . 
D 3 HOH 20 1040 1040 HOH HOH A . 
D 3 HOH 21 1041 1041 HOH HOH A . 
D 3 HOH 22 1045 1045 HOH HOH A . 
D 3 HOH 23 1048 1048 HOH HOH A . 
D 3 HOH 24 1053 1053 HOH HOH A . 
D 3 HOH 25 1055 1055 HOH HOH A . 
D 3 HOH 26 1056 1056 HOH HOH A . 
D 3 HOH 27 1057 1057 HOH HOH A . 
D 3 HOH 28 1058 1058 HOH HOH A . 
D 3 HOH 29 1061 1061 HOH HOH A . 
D 3 HOH 30 1062 1062 HOH HOH A . 
D 3 HOH 31 1064 1064 HOH HOH A . 
D 3 HOH 32 1065 1065 HOH HOH A . 
D 3 HOH 33 1069 1069 HOH HOH A . 
D 3 HOH 34 1071 1071 HOH HOH A . 
D 3 HOH 35 1073 1073 HOH HOH A . 
D 3 HOH 36 1078 1078 HOH HOH A . 
D 3 HOH 37 1082 1082 HOH HOH A . 
D 3 HOH 38 1084 1084 HOH HOH A . 
D 3 HOH 39 1085 1085 HOH HOH A . 
D 3 HOH 40 1090 1090 HOH HOH A . 
D 3 HOH 41 1094 1094 HOH HOH A . 
D 3 HOH 42 1096 1096 HOH HOH A . 
D 3 HOH 43 1097 1097 HOH HOH A . 
D 3 HOH 44 1098 1098 HOH HOH A . 
D 3 HOH 45 1099 1099 HOH HOH A . 
D 3 HOH 46 1101 1101 HOH HOH A . 
D 3 HOH 47 1102 1102 HOH HOH A . 
D 3 HOH 48 1103 1103 HOH HOH A . 
D 3 HOH 49 1104 1104 HOH HOH A . 
D 3 HOH 50 1106 1106 HOH HOH A . 
D 3 HOH 51 1108 1108 HOH HOH A . 
D 3 HOH 52 1112 1112 HOH HOH A . 
D 3 HOH 53 1116 1116 HOH HOH A . 
D 3 HOH 54 1117 1117 HOH HOH A . 
D 3 HOH 55 1120 1120 HOH HOH A . 
D 3 HOH 56 1121 1121 HOH HOH A . 
D 3 HOH 57 1122 1122 HOH HOH A . 
D 3 HOH 58 1124 1124 HOH HOH A . 
D 3 HOH 59 1126 1126 HOH HOH A . 
D 3 HOH 60 1127 1127 HOH HOH A . 
D 3 HOH 61 1128 1128 HOH HOH A . 
D 3 HOH 62 1130 1130 HOH HOH A . 
D 3 HOH 63 1131 1131 HOH HOH A . 
D 3 HOH 64 1132 1132 HOH HOH A . 
E 3 HOH 1  1001 1001 HOH HOH B . 
E 3 HOH 2  1002 1002 HOH HOH B . 
E 3 HOH 3  1003 1003 HOH HOH B . 
E 3 HOH 4  1006 1006 HOH HOH B . 
E 3 HOH 5  1007 1007 HOH HOH B . 
E 3 HOH 6  1010 1010 HOH HOH B . 
E 3 HOH 7  1013 1013 HOH HOH B . 
E 3 HOH 8  1014 1014 HOH HOH B . 
E 3 HOH 9  1016 1016 HOH HOH B . 
E 3 HOH 10 1019 1019 HOH HOH B . 
E 3 HOH 11 1022 1022 HOH HOH B . 
E 3 HOH 12 1023 1023 HOH HOH B . 
E 3 HOH 13 1024 1024 HOH HOH B . 
E 3 HOH 14 1025 1025 HOH HOH B . 
E 3 HOH 15 1026 1026 HOH HOH B . 
E 3 HOH 16 1027 1027 HOH HOH B . 
E 3 HOH 17 1028 1028 HOH HOH B . 
E 3 HOH 18 1032 1032 HOH HOH B . 
E 3 HOH 19 1033 1033 HOH HOH B . 
E 3 HOH 20 1034 1034 HOH HOH B . 
E 3 HOH 21 1042 1042 HOH HOH B . 
E 3 HOH 22 1043 1043 HOH HOH B . 
E 3 HOH 23 1044 1044 HOH HOH B . 
E 3 HOH 24 1046 1046 HOH HOH B . 
E 3 HOH 25 1047 1047 HOH HOH B . 
E 3 HOH 26 1049 1049 HOH HOH B . 
E 3 HOH 27 1050 1050 HOH HOH B . 
E 3 HOH 28 1051 1051 HOH HOH B . 
E 3 HOH 29 1052 1052 HOH HOH B . 
E 3 HOH 30 1054 1054 HOH HOH B . 
E 3 HOH 31 1059 1059 HOH HOH B . 
E 3 HOH 32 1060 1060 HOH HOH B . 
E 3 HOH 33 1063 1063 HOH HOH B . 
E 3 HOH 34 1066 1066 HOH HOH B . 
E 3 HOH 35 1067 1067 HOH HOH B . 
E 3 HOH 36 1068 1068 HOH HOH B . 
E 3 HOH 37 1070 1070 HOH HOH B . 
E 3 HOH 38 1072 1072 HOH HOH B . 
E 3 HOH 39 1074 1074 HOH HOH B . 
E 3 HOH 40 1075 1075 HOH HOH B . 
E 3 HOH 41 1076 1076 HOH HOH B . 
E 3 HOH 42 1077 1077 HOH HOH B . 
E 3 HOH 43 1079 1079 HOH HOH B . 
E 3 HOH 44 1080 1080 HOH HOH B . 
E 3 HOH 45 1081 1081 HOH HOH B . 
E 3 HOH 46 1083 1083 HOH HOH B . 
E 3 HOH 47 1086 1086 HOH HOH B . 
E 3 HOH 48 1087 1087 HOH HOH B . 
E 3 HOH 49 1088 1088 HOH HOH B . 
E 3 HOH 50 1089 1089 HOH HOH B . 
E 3 HOH 51 1091 1091 HOH HOH B . 
E 3 HOH 52 1092 1092 HOH HOH B . 
E 3 HOH 53 1093 1093 HOH HOH B . 
E 3 HOH 54 1095 1095 HOH HOH B . 
E 3 HOH 55 1100 1100 HOH HOH B . 
E 3 HOH 56 1105 1105 HOH HOH B . 
E 3 HOH 57 1107 1107 HOH HOH B . 
E 3 HOH 58 1109 1109 HOH HOH B . 
E 3 HOH 59 1110 1110 HOH HOH B . 
E 3 HOH 60 1111 1111 HOH HOH B . 
E 3 HOH 61 1113 1113 HOH HOH B . 
E 3 HOH 62 1114 1114 HOH HOH B . 
E 3 HOH 63 1115 1115 HOH HOH B . 
E 3 HOH 64 1118 1118 HOH HOH B . 
E 3 HOH 65 1119 1119 HOH HOH B . 
E 3 HOH 66 1123 1123 HOH HOH B . 
E 3 HOH 67 1125 1125 HOH HOH B . 
E 3 HOH 68 1129 1129 HOH HOH B . 
E 3 HOH 69 1133 1133 HOH HOH B . 
# 
loop_
_software.name 
_software.classification 
_software.version 
_software.citation_id 
_software.pdbx_ordinal 
SHELXL-97 refinement       . ? 1 
CNS       refinement       . ? 2 
HKL-2000  'data reduction' . ? 3 
HKL-2000  'data scaling'   . ? 4 
CNS       phasing          . ? 5 
# 
_cell.entry_id           1D9R 
_cell.length_a           22.711 
_cell.length_b           67.216 
_cell.length_c           72.504 
_cell.angle_alpha        90.00 
_cell.angle_beta         90.00 
_cell.angle_gamma        90.00 
_cell.Z_PDB              16 
_cell.pdbx_unique_axis   ? 
# 
_symmetry.entry_id                         1D9R 
_symmetry.space_group_name_H-M             'C 2 2 21' 
_symmetry.pdbx_full_space_group_name_H-M   ? 
_symmetry.cell_setting                     orthorhombic 
_symmetry.Int_Tables_number                20 
# 
_exptl.entry_id          1D9R 
_exptl.method            'X-RAY DIFFRACTION' 
_exptl.crystals_number   1 
# 
_exptl_crystal.id                    1 
_exptl_crystal.density_meas          ? 
_exptl_crystal.density_Matthews      2.10 
_exptl_crystal.density_percent_sol   41.0 
_exptl_crystal.description           ? 
# 
_exptl_crystal_grow.crystal_id      1 
_exptl_crystal_grow.method          'VAPOR DIFFUSION, SITTING DROP' 
_exptl_crystal_grow.temp            298 
_exptl_crystal_grow.temp_details    ? 
_exptl_crystal_grow.pH              7.5 
_exptl_crystal_grow.pdbx_details    'MPD, COBALT HEXAMMINE, MGCL2, TRIS, pH 7.5, VAPOR DIFFUSION, SITTING DROP, temperature 298K' 
_exptl_crystal_grow.pdbx_pH_range   ? 
# 
loop_
_exptl_crystal_grow_comp.crystal_id 
_exptl_crystal_grow_comp.id 
_exptl_crystal_grow_comp.sol_id 
_exptl_crystal_grow_comp.name 
_exptl_crystal_grow_comp.volume 
_exptl_crystal_grow_comp.conc 
_exptl_crystal_grow_comp.details 
1 1 1 '[CO(NH3)6]CL3' ? ? ? 
1 2 1 MGCL2           ? ? ? 
1 3 1 TRIS            ? ? ? 
1 4 1 MPD             ? ? ? 
1 5 2 MPD             ? ? ? 
# 
_diffrn.id                     1 
_diffrn.ambient_temp           123 
_diffrn.ambient_temp_details   ? 
_diffrn.crystal_id             1 
# 
_diffrn_detector.diffrn_id              1 
_diffrn_detector.detector               CCD 
_diffrn_detector.type                   CUSTOM-MADE 
_diffrn_detector.pdbx_collection_date   1998-08-16 
_diffrn_detector.details                ? 
# 
_diffrn_radiation.diffrn_id                        1 
_diffrn_radiation.wavelength_id                    1 
_diffrn_radiation.pdbx_monochromatic_or_laue_m_l   M 
_diffrn_radiation.monochromator                    ? 
_diffrn_radiation.pdbx_diffrn_protocol             'SINGLE WAVELENGTH' 
_diffrn_radiation.pdbx_scattering_type             x-ray 
# 
_diffrn_radiation_wavelength.id           1 
_diffrn_radiation_wavelength.wavelength   0.9611 
_diffrn_radiation_wavelength.wt           1.0 
# 
_diffrn_source.diffrn_id                   1 
_diffrn_source.source                      SYNCHROTRON 
_diffrn_source.type                        'APS BEAMLINE 19-ID' 
_diffrn_source.pdbx_synchrotron_site       APS 
_diffrn_source.pdbx_synchrotron_beamline   19-ID 
_diffrn_source.pdbx_wavelength             0.9611 
_diffrn_source.pdbx_wavelength_list        ? 
# 
_reflns.entry_id                     1D9R 
_reflns.observed_criterion_sigma_I   0 
_reflns.observed_criterion_sigma_F   0 
_reflns.d_resolution_low             10.0 
_reflns.d_resolution_high            1.5 
_reflns.number_obs                   8923 
_reflns.number_all                   8923 
_reflns.percent_possible_obs         99.7 
_reflns.pdbx_Rmerge_I_obs            0.055 
_reflns.pdbx_Rsym_value              ? 
_reflns.pdbx_netI_over_sigmaI        33.7 
_reflns.B_iso_Wilson_estimate        29.8 
_reflns.pdbx_redundancy              10.5 
_reflns.R_free_details               ? 
_reflns.pdbx_diffrn_id               1 
_reflns.pdbx_ordinal                 1 
# 
_reflns_shell.d_res_high             1.50 
_reflns_shell.d_res_low              1.56 
_reflns_shell.percent_possible_all   100.0 
_reflns_shell.Rmerge_I_obs           0.377 
_reflns_shell.pdbx_Rsym_value        ? 
_reflns_shell.meanI_over_sigI_obs    ? 
_reflns_shell.pdbx_redundancy        8.1 
_reflns_shell.percent_possible_obs   ? 
_reflns_shell.number_unique_all      ? 
_reflns_shell.pdbx_diffrn_id         ? 
_reflns_shell.pdbx_ordinal           1 
# 
_refine.entry_id                                 1D9R 
_refine.ls_number_reflns_obs                     8923 
_refine.ls_number_reflns_all                     8923 
_refine.pdbx_ls_sigma_I                          0 
_refine.pdbx_ls_sigma_F                          0 
_refine.pdbx_data_cutoff_high_absF               ? 
_refine.pdbx_data_cutoff_low_absF                ? 
_refine.pdbx_data_cutoff_high_rms_absF           ? 
_refine.ls_d_res_low                             10.0 
_refine.ls_d_res_high                            1.5 
_refine.ls_percent_reflns_obs                    99.9 
_refine.ls_R_factor_obs                          0.234 
_refine.ls_R_factor_all                          0.234 
_refine.ls_R_factor_R_work                       0.234 
_refine.ls_R_factor_R_free                       0.278 
_refine.ls_R_factor_R_free_error                 ? 
_refine.ls_R_factor_R_free_error_details         ? 
_refine.ls_percent_reflns_R_free                 5.0 
_refine.ls_number_reflns_R_free                  437 
_refine.ls_number_parameters                     2220 
_refine.ls_number_restraints                     1837 
_refine.occupancy_min                            ? 
_refine.occupancy_max                            ? 
_refine.B_iso_mean                               ? 
_refine.aniso_B[1][1]                            ? 
_refine.aniso_B[2][2]                            ? 
_refine.aniso_B[3][3]                            ? 
_refine.aniso_B[1][2]                            ? 
_refine.aniso_B[1][3]                            ? 
_refine.aniso_B[2][3]                            ? 
_refine.solvent_model_details                    'SHELXL SWAT OPTION' 
_refine.solvent_model_param_ksol                 ? 
_refine.solvent_model_param_bsol                 ? 
_refine.pdbx_ls_cross_valid_method               'A POSTERIORI' 
_refine.details                                  'SHELXL HOPE OPTION' 
_refine.pdbx_starting_model                      ? 
_refine.pdbx_method_to_determine_struct          'MAD PHASING BY BROMINES' 
_refine.pdbx_isotropic_thermal_model             ? 
_refine.pdbx_stereochemistry_target_values       'G.PARKINSON, J.VOJTECHOVSKY, L.CLOWNEY, A.T.BRUNGER, H.M.BERMAN' 
_refine.pdbx_stereochem_target_val_spec_case     ? 
_refine.pdbx_R_Free_selection_details            RANDOM 
_refine.pdbx_overall_ESU_R                       ? 
_refine.pdbx_overall_ESU_R_Free                  ? 
_refine.overall_SU_ML                            ? 
_refine.overall_SU_B                             ? 
_refine.ls_redundancy_reflns_obs                 ? 
_refine.correlation_coeff_Fo_to_Fc               ? 
_refine.correlation_coeff_Fo_to_Fc_free          ? 
_refine.overall_SU_R_Cruickshank_DPI             ? 
_refine.overall_SU_R_free                        ? 
_refine.pdbx_refine_id                           'X-RAY DIFFRACTION' 
_refine.pdbx_diffrn_id                           1 
_refine.pdbx_TLS_residual_ADP_flag               ? 
_refine.pdbx_solvent_vdw_probe_radii             ? 
_refine.pdbx_solvent_ion_probe_radii             ? 
_refine.pdbx_solvent_shrinkage_radii             ? 
_refine.pdbx_overall_phase_error                 ? 
_refine.pdbx_overall_SU_R_free_Cruickshank_DPI   ? 
_refine.pdbx_overall_SU_R_Blow_DPI               ? 
_refine.pdbx_overall_SU_R_free_Blow_DPI          ? 
# 
_refine_hist.pdbx_refine_id                   'X-RAY DIFFRACTION' 
_refine_hist.cycle_id                         LAST 
_refine_hist.pdbx_number_atoms_protein        0 
_refine_hist.pdbx_number_atoms_nucleic_acid   412 
_refine_hist.pdbx_number_atoms_ligand         9 
_refine_hist.number_atoms_solvent             133 
_refine_hist.number_atoms_total               554 
_refine_hist.d_res_high                       1.5 
_refine_hist.d_res_low                        10.0 
# 
loop_
_refine_ls_restr.type 
_refine_ls_restr.dev_ideal 
_refine_ls_restr.dev_ideal_target 
_refine_ls_restr.weight 
_refine_ls_restr.number 
_refine_ls_restr.pdbx_refine_id 
_refine_ls_restr.pdbx_restraint_function 
s_bond_d               0.009 ? ? ? 'X-RAY DIFFRACTION' ? 
s_angle_d              0.024 ? ? ? 'X-RAY DIFFRACTION' ? 
s_similar_dist         ?     ? ? ? 'X-RAY DIFFRACTION' ? 
s_from_restr_planes    0.052 ? ? ? 'X-RAY DIFFRACTION' ? 
s_zero_chiral_vol      ?     ? ? ? 'X-RAY DIFFRACTION' ? 
s_non_zero_chiral_vol  ?     ? ? ? 'X-RAY DIFFRACTION' ? 
s_anti_bump_dis_restr  0.003 ? ? ? 'X-RAY DIFFRACTION' ? 
s_rigid_bond_adp_cmpnt ?     ? ? ? 'X-RAY DIFFRACTION' ? 
s_similar_adp_cmpnt    0.072 ? ? ? 'X-RAY DIFFRACTION' ? 
s_approx_iso_adps      ?     ? ? ? 'X-RAY DIFFRACTION' ? 
# 
_struct.entry_id                  1D9R 
_struct.title                     'CRYSTAL STRUCTURE OF DNA SHEARED TANDEM G-A BASE PAIRS' 
_struct.pdbx_model_details        ? 
_struct.pdbx_CASP_flag            ? 
_struct.pdbx_model_type_details   ? 
# 
_struct_keywords.entry_id        1D9R 
_struct_keywords.pdbx_keywords   DNA 
_struct_keywords.text            'TANDEM GA BASE PAIRS, GA MISMATCH, DEOXYRIBONUCLEIC ACID, DNA' 
# 
loop_
_struct_asym.id 
_struct_asym.pdbx_blank_PDB_chainid_flag 
_struct_asym.pdbx_modified 
_struct_asym.entity_id 
_struct_asym.details 
A N N 1 ? 
B N N 1 ? 
C N N 2 ? 
D N N 3 ? 
E N N 3 ? 
# 
_struct_ref.id                         1 
_struct_ref.entity_id                  1 
_struct_ref.db_name                    PDB 
_struct_ref.db_code                    1D9R 
_struct_ref.pdbx_db_accession          1D9R 
_struct_ref.pdbx_db_isoform            ? 
_struct_ref.pdbx_seq_one_letter_code   ? 
_struct_ref.pdbx_align_begin           ? 
# 
loop_
_struct_ref_seq.align_id 
_struct_ref_seq.ref_id 
_struct_ref_seq.pdbx_PDB_id_code 
_struct_ref_seq.pdbx_strand_id 
_struct_ref_seq.seq_align_beg 
_struct_ref_seq.pdbx_seq_align_beg_ins_code 
_struct_ref_seq.seq_align_end 
_struct_ref_seq.pdbx_seq_align_end_ins_code 
_struct_ref_seq.pdbx_db_accession 
_struct_ref_seq.db_align_beg 
_struct_ref_seq.pdbx_db_align_beg_ins_code 
_struct_ref_seq.db_align_end 
_struct_ref_seq.pdbx_db_align_end_ins_code 
_struct_ref_seq.pdbx_auth_seq_align_beg 
_struct_ref_seq.pdbx_auth_seq_align_end 
1 1 1D9R A 1 ? 10 ? 1D9R 1  ? 10 ? 1  10 
2 1 1D9R B 1 ? 10 ? 1D9R 11 ? 20 ? 11 20 
# 
_pdbx_struct_assembly.id                   1 
_pdbx_struct_assembly.details              author_defined_assembly 
_pdbx_struct_assembly.method_details       ? 
_pdbx_struct_assembly.oligomeric_details   dimeric 
_pdbx_struct_assembly.oligomeric_count     2 
# 
_pdbx_struct_assembly_gen.assembly_id       1 
_pdbx_struct_assembly_gen.oper_expression   1 
_pdbx_struct_assembly_gen.asym_id_list      A,B,C,D,E 
# 
_pdbx_struct_oper_list.id                   1 
_pdbx_struct_oper_list.type                 'identity operation' 
_pdbx_struct_oper_list.name                 1_555 
_pdbx_struct_oper_list.symmetry_operation   x,y,z 
_pdbx_struct_oper_list.matrix[1][1]         1.0000000000 
_pdbx_struct_oper_list.matrix[1][2]         0.0000000000 
_pdbx_struct_oper_list.matrix[1][3]         0.0000000000 
_pdbx_struct_oper_list.vector[1]            0.0000000000 
_pdbx_struct_oper_list.matrix[2][1]         0.0000000000 
_pdbx_struct_oper_list.matrix[2][2]         1.0000000000 
_pdbx_struct_oper_list.matrix[2][3]         0.0000000000 
_pdbx_struct_oper_list.vector[2]            0.0000000000 
_pdbx_struct_oper_list.matrix[3][1]         0.0000000000 
_pdbx_struct_oper_list.matrix[3][2]         0.0000000000 
_pdbx_struct_oper_list.matrix[3][3]         1.0000000000 
_pdbx_struct_oper_list.vector[3]            0.0000000000 
# 
_struct_biol.id                    1 
_struct_biol.pdbx_parent_biol_id   ? 
_struct_biol.details               ? 
# 
loop_
_struct_conn.id 
_struct_conn.conn_type_id 
_struct_conn.pdbx_leaving_atom_flag 
_struct_conn.pdbx_PDB_id 
_struct_conn.ptnr1_label_asym_id 
_struct_conn.ptnr1_label_comp_id 
_struct_conn.ptnr1_label_seq_id 
_struct_conn.ptnr1_label_atom_id 
_struct_conn.pdbx_ptnr1_label_alt_id 
_struct_conn.pdbx_ptnr1_PDB_ins_code 
_struct_conn.pdbx_ptnr1_standard_comp_id 
_struct_conn.ptnr1_symmetry 
_struct_conn.ptnr2_label_asym_id 
_struct_conn.ptnr2_label_comp_id 
_struct_conn.ptnr2_label_seq_id 
_struct_conn.ptnr2_label_atom_id 
_struct_conn.pdbx_ptnr2_label_alt_id 
_struct_conn.pdbx_ptnr2_PDB_ins_code 
_struct_conn.ptnr1_auth_asym_id 
_struct_conn.ptnr1_auth_comp_id 
_struct_conn.ptnr1_auth_seq_id 
_struct_conn.ptnr2_auth_asym_id 
_struct_conn.ptnr2_auth_comp_id 
_struct_conn.ptnr2_auth_seq_id 
_struct_conn.ptnr2_symmetry 
_struct_conn.pdbx_ptnr3_label_atom_id 
_struct_conn.pdbx_ptnr3_label_seq_id 
_struct_conn.pdbx_ptnr3_label_comp_id 
_struct_conn.pdbx_ptnr3_label_asym_id 
_struct_conn.pdbx_ptnr3_label_alt_id 
_struct_conn.pdbx_ptnr3_PDB_ins_code 
_struct_conn.details 
_struct_conn.pdbx_dist_value 
_struct_conn.pdbx_value_order 
_struct_conn.pdbx_role 
covale1  covale both ? A DA  5  "O3'" ? ? ? 1_555 A BRU 6  P  ? ? A DA  5  A BRU 6  1_555 ? ? ? ? ? ? ?            1.640 ? ? 
covale2  covale both ? A BRU 6  "O3'" ? ? ? 1_555 A DG  7  P  ? ? A BRU 6  A DG  7  1_555 ? ? ? ? ? ? ?            1.614 ? ? 
covale3  covale both ? B DA  5  "O3'" ? ? ? 1_555 B BRU 6  P  ? ? B DA  15 B BRU 16 1_555 ? ? ? ? ? ? ?            1.598 ? ? 
covale4  covale both ? B BRU 6  "O3'" ? ? ? 1_555 B DG  7  P  ? ? B BRU 16 B DG  17 1_555 ? ? ? ? ? ? ?            1.592 ? ? 
metalc1  metalc ?    ? C NCO .  CO    ? ? ? 1_555 C NCO .  N2 ? ? A NCO 21 A NCO 21 3_555 ? ? ? ? ? ? ?            1.993 ? ? 
metalc2  metalc ?    ? C NCO .  CO    ? ? ? 1_555 C NCO .  N4 ? ? A NCO 21 A NCO 21 3_555 ? ? ? ? ? ? ?            2.019 ? ? 
metalc3  metalc ?    ? C NCO .  CO    ? ? ? 1_555 C NCO .  N5 ? ? A NCO 21 A NCO 21 3_555 ? ? ? ? ? ? ?            1.994 ? ? 
metalc4  metalc ?    ? C NCO .  CO    ? ? ? 1_555 C NCO .  N1 ? ? A NCO 21 A NCO 21 3_555 ? ? ? ? ? ? ?            2.018 ? ? 
metalc5  metalc ?    ? C NCO .  CO    ? ? ? 1_555 C NCO .  N6 ? ? A NCO 21 A NCO 21 3_555 ? ? ? ? ? ? ?            2.013 ? ? 
metalc6  metalc ?    ? C NCO .  CO    ? ? ? 1_555 C NCO .  N3 ? ? A NCO 21 A NCO 21 3_555 ? ? ? ? ? ? ?            2.012 ? ? 
hydrog1  hydrog ?    ? A DC  1  N3    ? ? ? 1_555 B DG  10 N1 ? ? A DC  1  B DG  20 1_555 ? ? ? ? ? ? WATSON-CRICK ?     ? ? 
hydrog2  hydrog ?    ? A DC  1  N4    ? ? ? 1_555 B DG  10 O6 ? ? A DC  1  B DG  20 1_555 ? ? ? ? ? ? WATSON-CRICK ?     ? ? 
hydrog3  hydrog ?    ? A DC  1  O2    ? ? ? 1_555 B DG  10 N2 ? ? A DC  1  B DG  20 1_555 ? ? ? ? ? ? WATSON-CRICK ?     ? ? 
hydrog4  hydrog ?    ? A DC  2  N3    ? ? ? 1_555 B DG  9  N1 ? ? A DC  2  B DG  19 1_555 ? ? ? ? ? ? WATSON-CRICK ?     ? ? 
hydrog5  hydrog ?    ? A DC  2  N4    ? ? ? 1_555 B DG  9  O6 ? ? A DC  2  B DG  19 1_555 ? ? ? ? ? ? WATSON-CRICK ?     ? ? 
hydrog6  hydrog ?    ? A DC  2  O2    ? ? ? 1_555 B DG  9  N2 ? ? A DC  2  B DG  19 1_555 ? ? ? ? ? ? WATSON-CRICK ?     ? ? 
hydrog7  hydrog ?    ? A DG  3  N2    ? ? ? 1_555 B DA  8  N7 ? ? A DG  3  B DA  18 1_555 ? ? ? ? ? ? TYPE_11_PAIR ?     ? ? 
hydrog8  hydrog ?    ? A DG  3  N3    ? ? ? 1_555 B DA  8  N6 ? ? A DG  3  B DA  18 1_555 ? ? ? ? ? ? TYPE_11_PAIR ?     ? ? 
hydrog9  hydrog ?    ? A DA  4  N6    ? ? ? 1_555 B DG  7  N3 ? ? A DA  4  B DG  17 1_555 ? ? ? ? ? ? TYPE_11_PAIR ?     ? ? 
hydrog10 hydrog ?    ? A DA  4  N7    ? ? ? 1_555 B DG  7  N2 ? ? A DA  4  B DG  17 1_555 ? ? ? ? ? ? TYPE_11_PAIR ?     ? ? 
hydrog11 hydrog ?    ? A DA  5  N1    ? ? ? 1_555 B BRU 6  N3 ? ? A DA  5  B BRU 16 1_555 ? ? ? ? ? ? WATSON-CRICK ?     ? ? 
hydrog12 hydrog ?    ? A DA  5  N6    ? ? ? 1_555 B BRU 6  O4 ? ? A DA  5  B BRU 16 1_555 ? ? ? ? ? ? WATSON-CRICK ?     ? ? 
hydrog13 hydrog ?    ? A BRU 6  N3    ? ? ? 1_555 B DA  5  N1 ? ? A BRU 6  B DA  15 1_555 ? ? ? ? ? ? WATSON-CRICK ?     ? ? 
hydrog14 hydrog ?    ? A BRU 6  O4    ? ? ? 1_555 B DA  5  N6 ? ? A BRU 6  B DA  15 1_555 ? ? ? ? ? ? WATSON-CRICK ?     ? ? 
hydrog15 hydrog ?    ? A DG  7  N2    ? ? ? 1_555 B DA  4  N7 ? ? A DG  7  B DA  14 1_555 ? ? ? ? ? ? TYPE_11_PAIR ?     ? ? 
hydrog16 hydrog ?    ? A DG  7  N3    ? ? ? 1_555 B DA  4  N6 ? ? A DG  7  B DA  14 1_555 ? ? ? ? ? ? TYPE_11_PAIR ?     ? ? 
hydrog17 hydrog ?    ? A DA  8  N6    ? ? ? 1_555 B DG  3  N3 ? ? A DA  8  B DG  13 1_555 ? ? ? ? ? ? TYPE_11_PAIR ?     ? ? 
hydrog18 hydrog ?    ? A DA  8  N7    ? ? ? 1_555 B DG  3  N2 ? ? A DA  8  B DG  13 1_555 ? ? ? ? ? ? TYPE_11_PAIR ?     ? ? 
hydrog19 hydrog ?    ? A DG  9  N1    ? ? ? 1_555 B DC  2  N3 ? ? A DG  9  B DC  12 1_555 ? ? ? ? ? ? WATSON-CRICK ?     ? ? 
hydrog20 hydrog ?    ? A DG  9  N2    ? ? ? 1_555 B DC  2  O2 ? ? A DG  9  B DC  12 1_555 ? ? ? ? ? ? WATSON-CRICK ?     ? ? 
hydrog21 hydrog ?    ? A DG  9  O6    ? ? ? 1_555 B DC  2  N4 ? ? A DG  9  B DC  12 1_555 ? ? ? ? ? ? WATSON-CRICK ?     ? ? 
hydrog22 hydrog ?    ? A DG  10 N1    ? ? ? 1_555 B DC  1  N3 ? ? A DG  10 B DC  11 1_555 ? ? ? ? ? ? WATSON-CRICK ?     ? ? 
hydrog23 hydrog ?    ? A DG  10 N2    ? ? ? 1_555 B DC  1  O2 ? ? A DG  10 B DC  11 1_555 ? ? ? ? ? ? WATSON-CRICK ?     ? ? 
hydrog24 hydrog ?    ? A DG  10 O6    ? ? ? 1_555 B DC  1  N4 ? ? A DG  10 B DC  11 1_555 ? ? ? ? ? ? WATSON-CRICK ?     ? ? 
# 
loop_
_struct_conn_type.id 
_struct_conn_type.criteria 
_struct_conn_type.reference 
covale ? ? 
metalc ? ? 
hydrog ? ? 
# 
loop_
_pdbx_struct_conn_angle.id 
_pdbx_struct_conn_angle.ptnr1_label_atom_id 
_pdbx_struct_conn_angle.ptnr1_label_alt_id 
_pdbx_struct_conn_angle.ptnr1_label_asym_id 
_pdbx_struct_conn_angle.ptnr1_label_comp_id 
_pdbx_struct_conn_angle.ptnr1_label_seq_id 
_pdbx_struct_conn_angle.ptnr1_auth_atom_id 
_pdbx_struct_conn_angle.ptnr1_auth_asym_id 
_pdbx_struct_conn_angle.ptnr1_auth_comp_id 
_pdbx_struct_conn_angle.ptnr1_auth_seq_id 
_pdbx_struct_conn_angle.ptnr1_PDB_ins_code 
_pdbx_struct_conn_angle.ptnr1_symmetry 
_pdbx_struct_conn_angle.ptnr2_label_atom_id 
_pdbx_struct_conn_angle.ptnr2_label_alt_id 
_pdbx_struct_conn_angle.ptnr2_label_asym_id 
_pdbx_struct_conn_angle.ptnr2_label_comp_id 
_pdbx_struct_conn_angle.ptnr2_label_seq_id 
_pdbx_struct_conn_angle.ptnr2_auth_atom_id 
_pdbx_struct_conn_angle.ptnr2_auth_asym_id 
_pdbx_struct_conn_angle.ptnr2_auth_comp_id 
_pdbx_struct_conn_angle.ptnr2_auth_seq_id 
_pdbx_struct_conn_angle.ptnr2_PDB_ins_code 
_pdbx_struct_conn_angle.ptnr2_symmetry 
_pdbx_struct_conn_angle.ptnr3_label_atom_id 
_pdbx_struct_conn_angle.ptnr3_label_alt_id 
_pdbx_struct_conn_angle.ptnr3_label_asym_id 
_pdbx_struct_conn_angle.ptnr3_label_comp_id 
_pdbx_struct_conn_angle.ptnr3_label_seq_id 
_pdbx_struct_conn_angle.ptnr3_auth_atom_id 
_pdbx_struct_conn_angle.ptnr3_auth_asym_id 
_pdbx_struct_conn_angle.ptnr3_auth_comp_id 
_pdbx_struct_conn_angle.ptnr3_auth_seq_id 
_pdbx_struct_conn_angle.ptnr3_PDB_ins_code 
_pdbx_struct_conn_angle.ptnr3_symmetry 
_pdbx_struct_conn_angle.value 
_pdbx_struct_conn_angle.value_esd 
1  N2 ? C NCO . ? A NCO 21 ? 3_555 CO ? C NCO . ? A NCO 21 ? 1_555 N1 ? C NCO . ? A NCO 21 ? 1_555 88.0  ? 
2  N2 ? C NCO . ? A NCO 21 ? 3_555 CO ? C NCO . ? A NCO 21 ? 1_555 N2 ? C NCO . ? A NCO 21 ? 1_555 175.6 ? 
3  N1 ? C NCO . ? A NCO 21 ? 1_555 CO ? C NCO . ? A NCO 21 ? 1_555 N2 ? C NCO . ? A NCO 21 ? 1_555 88.9  ? 
4  N2 ? C NCO . ? A NCO 21 ? 3_555 CO ? C NCO . ? A NCO 21 ? 1_555 N3 ? C NCO . ? A NCO 21 ? 1_555 92.3  ? 
5  N1 ? C NCO . ? A NCO 21 ? 1_555 CO ? C NCO . ? A NCO 21 ? 1_555 N3 ? C NCO . ? A NCO 21 ? 1_555 89.5  ? 
6  N2 ? C NCO . ? A NCO 21 ? 1_555 CO ? C NCO . ? A NCO 21 ? 1_555 N3 ? C NCO . ? A NCO 21 ? 1_555 90.8  ? 
7  N2 ? C NCO . ? A NCO 21 ? 3_555 CO ? C NCO . ? A NCO 21 ? 1_555 N4 ? C NCO . ? A NCO 21 ? 1_555 88.8  ? 
8  N1 ? C NCO . ? A NCO 21 ? 1_555 CO ? C NCO . ? A NCO 21 ? 1_555 N4 ? C NCO . ? A NCO 21 ? 1_555 90.2  ? 
9  N2 ? C NCO . ? A NCO 21 ? 1_555 CO ? C NCO . ? A NCO 21 ? 1_555 N4 ? C NCO . ? A NCO 21 ? 1_555 88.0  ? 
10 N3 ? C NCO . ? A NCO 21 ? 1_555 CO ? C NCO . ? A NCO 21 ? 1_555 N4 ? C NCO . ? A NCO 21 ? 1_555 178.8 ? 
11 N2 ? C NCO . ? A NCO 21 ? 3_555 CO ? C NCO . ? A NCO 21 ? 1_555 N5 ? C NCO . ? A NCO 21 ? 1_555 0.0   ? 
12 N1 ? C NCO . ? A NCO 21 ? 1_555 CO ? C NCO . ? A NCO 21 ? 1_555 N5 ? C NCO . ? A NCO 21 ? 1_555 88.0  ? 
13 N2 ? C NCO . ? A NCO 21 ? 1_555 CO ? C NCO . ? A NCO 21 ? 1_555 N5 ? C NCO . ? A NCO 21 ? 1_555 175.6 ? 
14 N3 ? C NCO . ? A NCO 21 ? 1_555 CO ? C NCO . ? A NCO 21 ? 1_555 N5 ? C NCO . ? A NCO 21 ? 1_555 92.3  ? 
15 N4 ? C NCO . ? A NCO 21 ? 1_555 CO ? C NCO . ? A NCO 21 ? 1_555 N5 ? C NCO . ? A NCO 21 ? 1_555 88.8  ? 
16 N2 ? C NCO . ? A NCO 21 ? 3_555 CO ? C NCO . ? A NCO 21 ? 1_555 N6 ? C NCO . ? A NCO 21 ? 1_555 90.8  ? 
17 N1 ? C NCO . ? A NCO 21 ? 1_555 CO ? C NCO . ? A NCO 21 ? 1_555 N6 ? C NCO . ? A NCO 21 ? 1_555 178.7 ? 
18 N2 ? C NCO . ? A NCO 21 ? 1_555 CO ? C NCO . ? A NCO 21 ? 1_555 N6 ? C NCO . ? A NCO 21 ? 1_555 92.3  ? 
19 N3 ? C NCO . ? A NCO 21 ? 1_555 CO ? C NCO . ? A NCO 21 ? 1_555 N6 ? C NCO . ? A NCO 21 ? 1_555 91.0  ? 
20 N4 ? C NCO . ? A NCO 21 ? 1_555 CO ? C NCO . ? A NCO 21 ? 1_555 N6 ? C NCO . ? A NCO 21 ? 1_555 89.4  ? 
21 N5 ? C NCO . ? A NCO 21 ? 1_555 CO ? C NCO . ? A NCO 21 ? 1_555 N6 ? C NCO . ? A NCO 21 ? 1_555 90.7  ? 
22 N2 ? C NCO . ? A NCO 21 ? 3_555 CO ? C NCO . ? A NCO 21 ? 1_555 N4 ? C NCO . ? A NCO 21 ? 3_555 88.0  ? 
23 N1 ? C NCO . ? A NCO 21 ? 1_555 CO ? C NCO . ? A NCO 21 ? 1_555 N4 ? C NCO . ? A NCO 21 ? 3_555 0.0   ? 
24 N2 ? C NCO . ? A NCO 21 ? 1_555 CO ? C NCO . ? A NCO 21 ? 1_555 N4 ? C NCO . ? A NCO 21 ? 3_555 88.8  ? 
25 N3 ? C NCO . ? A NCO 21 ? 1_555 CO ? C NCO . ? A NCO 21 ? 1_555 N4 ? C NCO . ? A NCO 21 ? 3_555 89.5  ? 
26 N4 ? C NCO . ? A NCO 21 ? 1_555 CO ? C NCO . ? A NCO 21 ? 1_555 N4 ? C NCO . ? A NCO 21 ? 3_555 90.2  ? 
27 N5 ? C NCO . ? A NCO 21 ? 1_555 CO ? C NCO . ? A NCO 21 ? 1_555 N4 ? C NCO . ? A NCO 21 ? 3_555 88.1  ? 
28 N6 ? C NCO . ? A NCO 21 ? 1_555 CO ? C NCO . ? A NCO 21 ? 1_555 N4 ? C NCO . ? A NCO 21 ? 3_555 178.7 ? 
29 N2 ? C NCO . ? A NCO 21 ? 3_555 CO ? C NCO . ? A NCO 21 ? 1_555 N5 ? C NCO . ? A NCO 21 ? 3_555 175.6 ? 
30 N1 ? C NCO . ? A NCO 21 ? 1_555 CO ? C NCO . ? A NCO 21 ? 1_555 N5 ? C NCO . ? A NCO 21 ? 3_555 88.9  ? 
31 N2 ? C NCO . ? A NCO 21 ? 1_555 CO ? C NCO . ? A NCO 21 ? 1_555 N5 ? C NCO . ? A NCO 21 ? 3_555 0.0   ? 
32 N3 ? C NCO . ? A NCO 21 ? 1_555 CO ? C NCO . ? A NCO 21 ? 1_555 N5 ? C NCO . ? A NCO 21 ? 3_555 90.8  ? 
33 N4 ? C NCO . ? A NCO 21 ? 1_555 CO ? C NCO . ? A NCO 21 ? 1_555 N5 ? C NCO . ? A NCO 21 ? 3_555 88.1  ? 
34 N5 ? C NCO . ? A NCO 21 ? 1_555 CO ? C NCO . ? A NCO 21 ? 1_555 N5 ? C NCO . ? A NCO 21 ? 3_555 175.6 ? 
35 N6 ? C NCO . ? A NCO 21 ? 1_555 CO ? C NCO . ? A NCO 21 ? 1_555 N5 ? C NCO . ? A NCO 21 ? 3_555 92.4  ? 
36 N4 ? C NCO . ? A NCO 21 ? 3_555 CO ? C NCO . ? A NCO 21 ? 1_555 N5 ? C NCO . ? A NCO 21 ? 3_555 88.8  ? 
37 N2 ? C NCO . ? A NCO 21 ? 3_555 CO ? C NCO . ? A NCO 21 ? 1_555 N1 ? C NCO . ? A NCO 21 ? 3_555 88.9  ? 
38 N1 ? C NCO . ? A NCO 21 ? 1_555 CO ? C NCO . ? A NCO 21 ? 1_555 N1 ? C NCO . ? A NCO 21 ? 3_555 90.1  ? 
39 N2 ? C NCO . ? A NCO 21 ? 1_555 CO ? C NCO . ? A NCO 21 ? 1_555 N1 ? C NCO . ? A NCO 21 ? 3_555 88.0  ? 
40 N3 ? C NCO . ? A NCO 21 ? 1_555 CO ? C NCO . ? A NCO 21 ? 1_555 N1 ? C NCO . ? A NCO 21 ? 3_555 178.7 ? 
41 N4 ? C NCO . ? A NCO 21 ? 1_555 CO ? C NCO . ? A NCO 21 ? 1_555 N1 ? C NCO . ? A NCO 21 ? 3_555 0.0   ? 
42 N5 ? C NCO . ? A NCO 21 ? 1_555 CO ? C NCO . ? A NCO 21 ? 1_555 N1 ? C NCO . ? A NCO 21 ? 3_555 88.9  ? 
43 N6 ? C NCO . ? A NCO 21 ? 1_555 CO ? C NCO . ? A NCO 21 ? 1_555 N1 ? C NCO . ? A NCO 21 ? 3_555 89.5  ? 
44 N4 ? C NCO . ? A NCO 21 ? 3_555 CO ? C NCO . ? A NCO 21 ? 1_555 N1 ? C NCO . ? A NCO 21 ? 3_555 90.2  ? 
45 N5 ? C NCO . ? A NCO 21 ? 3_555 CO ? C NCO . ? A NCO 21 ? 1_555 N1 ? C NCO . ? A NCO 21 ? 3_555 88.0  ? 
46 N2 ? C NCO . ? A NCO 21 ? 3_555 CO ? C NCO . ? A NCO 21 ? 1_555 N6 ? C NCO . ? A NCO 21 ? 3_555 92.3  ? 
47 N1 ? C NCO . ? A NCO 21 ? 1_555 CO ? C NCO . ? A NCO 21 ? 1_555 N6 ? C NCO . ? A NCO 21 ? 3_555 89.5  ? 
48 N2 ? C NCO . ? A NCO 21 ? 1_555 CO ? C NCO . ? A NCO 21 ? 1_555 N6 ? C NCO . ? A NCO 21 ? 3_555 90.8  ? 
49 N3 ? C NCO . ? A NCO 21 ? 1_555 CO ? C NCO . ? A NCO 21 ? 1_555 N6 ? C NCO . ? A NCO 21 ? 3_555 0.0   ? 
50 N4 ? C NCO . ? A NCO 21 ? 1_555 CO ? C NCO . ? A NCO 21 ? 1_555 N6 ? C NCO . ? A NCO 21 ? 3_555 178.7 ? 
51 N5 ? C NCO . ? A NCO 21 ? 1_555 CO ? C NCO . ? A NCO 21 ? 1_555 N6 ? C NCO . ? A NCO 21 ? 3_555 92.4  ? 
52 N6 ? C NCO . ? A NCO 21 ? 1_555 CO ? C NCO . ? A NCO 21 ? 1_555 N6 ? C NCO . ? A NCO 21 ? 3_555 91.0  ? 
53 N4 ? C NCO . ? A NCO 21 ? 3_555 CO ? C NCO . ? A NCO 21 ? 1_555 N6 ? C NCO . ? A NCO 21 ? 3_555 89.4  ? 
54 N5 ? C NCO . ? A NCO 21 ? 3_555 CO ? C NCO . ? A NCO 21 ? 1_555 N6 ? C NCO . ? A NCO 21 ? 3_555 90.7  ? 
55 N1 ? C NCO . ? A NCO 21 ? 3_555 CO ? C NCO . ? A NCO 21 ? 1_555 N6 ? C NCO . ? A NCO 21 ? 3_555 178.7 ? 
56 N2 ? C NCO . ? A NCO 21 ? 3_555 CO ? C NCO . ? A NCO 21 ? 1_555 N3 ? C NCO . ? A NCO 21 ? 3_555 90.8  ? 
57 N1 ? C NCO . ? A NCO 21 ? 1_555 CO ? C NCO . ? A NCO 21 ? 1_555 N3 ? C NCO . ? A NCO 21 ? 3_555 178.7 ? 
58 N2 ? C NCO . ? A NCO 21 ? 1_555 CO ? C NCO . ? A NCO 21 ? 1_555 N3 ? C NCO . ? A NCO 21 ? 3_555 92.3  ? 
59 N3 ? C NCO . ? A NCO 21 ? 1_555 CO ? C NCO . ? A NCO 21 ? 1_555 N3 ? C NCO . ? A NCO 21 ? 3_555 90.9  ? 
60 N4 ? C NCO . ? A NCO 21 ? 1_555 CO ? C NCO . ? A NCO 21 ? 1_555 N3 ? C NCO . ? A NCO 21 ? 3_555 89.5  ? 
61 N5 ? C NCO . ? A NCO 21 ? 1_555 CO ? C NCO . ? A NCO 21 ? 1_555 N3 ? C NCO . ? A NCO 21 ? 3_555 90.8  ? 
62 N6 ? C NCO . ? A NCO 21 ? 1_555 CO ? C NCO . ? A NCO 21 ? 1_555 N3 ? C NCO . ? A NCO 21 ? 3_555 0.0   ? 
63 N4 ? C NCO . ? A NCO 21 ? 3_555 CO ? C NCO . ? A NCO 21 ? 1_555 N3 ? C NCO . ? A NCO 21 ? 3_555 178.8 ? 
64 N5 ? C NCO . ? A NCO 21 ? 3_555 CO ? C NCO . ? A NCO 21 ? 1_555 N3 ? C NCO . ? A NCO 21 ? 3_555 92.3  ? 
65 N1 ? C NCO . ? A NCO 21 ? 3_555 CO ? C NCO . ? A NCO 21 ? 1_555 N3 ? C NCO . ? A NCO 21 ? 3_555 89.5  ? 
66 N6 ? C NCO . ? A NCO 21 ? 3_555 CO ? C NCO . ? A NCO 21 ? 1_555 N3 ? C NCO . ? A NCO 21 ? 3_555 91.0  ? 
# 
_struct_site.id                   AC1 
_struct_site.pdbx_evidence_code   Software 
_struct_site.pdbx_auth_asym_id    A 
_struct_site.pdbx_auth_comp_id    NCO 
_struct_site.pdbx_auth_seq_id     21 
_struct_site.pdbx_auth_ins_code   ? 
_struct_site.pdbx_num_residues    10 
_struct_site.details              'BINDING SITE FOR RESIDUE NCO A 21' 
# 
loop_
_struct_site_gen.id 
_struct_site_gen.site_id 
_struct_site_gen.pdbx_num_res 
_struct_site_gen.label_comp_id 
_struct_site_gen.label_asym_id 
_struct_site_gen.label_seq_id 
_struct_site_gen.pdbx_auth_ins_code 
_struct_site_gen.auth_comp_id 
_struct_site_gen.auth_asym_id 
_struct_site_gen.auth_seq_id 
_struct_site_gen.label_atom_id 
_struct_site_gen.label_alt_id 
_struct_site_gen.symmetry 
_struct_site_gen.details 
1  AC1 10 DC  A 2 ? DC  A 2    . ? 1_555 ? 
2  AC1 10 DC  A 2 ? DC  A 2    . ? 3_555 ? 
3  AC1 10 DG  A 3 ? DG  A 3    . ? 3_555 ? 
4  AC1 10 DG  A 3 ? DG  A 3    . ? 1_555 ? 
5  AC1 10 HOH D . ? HOH A 1056 . ? 1_555 ? 
6  AC1 10 HOH D . ? HOH A 1056 . ? 3_555 ? 
7  AC1 10 HOH D . ? HOH A 1069 . ? 3_555 ? 
8  AC1 10 HOH D . ? HOH A 1069 . ? 1_555 ? 
9  AC1 10 DG  B 7 ? DG  B 17   . ? 3_555 ? 
10 AC1 10 DG  B 7 ? DG  B 17   . ? 1_555 ? 
# 
loop_
_pdbx_validate_rmsd_angle.id 
_pdbx_validate_rmsd_angle.PDB_model_num 
_pdbx_validate_rmsd_angle.auth_atom_id_1 
_pdbx_validate_rmsd_angle.auth_asym_id_1 
_pdbx_validate_rmsd_angle.auth_comp_id_1 
_pdbx_validate_rmsd_angle.auth_seq_id_1 
_pdbx_validate_rmsd_angle.PDB_ins_code_1 
_pdbx_validate_rmsd_angle.label_alt_id_1 
_pdbx_validate_rmsd_angle.auth_atom_id_2 
_pdbx_validate_rmsd_angle.auth_asym_id_2 
_pdbx_validate_rmsd_angle.auth_comp_id_2 
_pdbx_validate_rmsd_angle.auth_seq_id_2 
_pdbx_validate_rmsd_angle.PDB_ins_code_2 
_pdbx_validate_rmsd_angle.label_alt_id_2 
_pdbx_validate_rmsd_angle.auth_atom_id_3 
_pdbx_validate_rmsd_angle.auth_asym_id_3 
_pdbx_validate_rmsd_angle.auth_comp_id_3 
_pdbx_validate_rmsd_angle.auth_seq_id_3 
_pdbx_validate_rmsd_angle.PDB_ins_code_3 
_pdbx_validate_rmsd_angle.label_alt_id_3 
_pdbx_validate_rmsd_angle.angle_value 
_pdbx_validate_rmsd_angle.angle_target_value 
_pdbx_validate_rmsd_angle.angle_deviation 
_pdbx_validate_rmsd_angle.angle_standard_deviation 
_pdbx_validate_rmsd_angle.linker_flag 
1  1 N1    A DC 2  ? ? C2    A DC 2  ? ? O2    A DC 2  ? ? 114.94 118.90 -3.96 0.60 N 
2  1 "O4'" A DA 5  ? ? "C1'" A DA 5  ? ? N9    A DA 5  ? ? 100.68 108.00 -7.32 0.70 N 
3  1 C5    B DC 12 ? ? C4    B DC 12 ? ? N4    B DC 12 ? ? 115.86 120.20 -4.34 0.70 N 
4  1 "O4'" B DG 13 ? ? "C1'" B DG 13 ? ? N9    B DG 13 ? ? 110.41 108.30 2.11  0.30 N 
5  1 "O4'" B DA 15 ? ? "C1'" B DA 15 ? ? N9    B DA 15 ? ? 100.81 108.00 -7.19 0.70 N 
6  1 C6    B DA 15 ? ? N1    B DA 15 ? ? C2    B DA 15 ? ? 122.45 118.60 3.85  0.60 N 
7  1 C5    B DA 15 ? ? C6    B DA 15 ? ? N1    B DA 15 ? ? 114.25 117.70 -3.45 0.50 N 
8  1 N1    B DA 15 ? ? C6    B DA 15 ? ? N6    B DA 15 ? ? 123.49 118.60 4.89  0.60 N 
9  1 C6    B DG 17 ? ? N1    B DG 17 ? ? C2    B DG 17 ? ? 121.31 125.10 -3.79 0.60 N 
10 1 C5    B DG 17 ? ? C6    B DG 17 ? ? N1    B DG 17 ? ? 114.55 111.50 3.05  0.50 N 
11 1 C2    B DA 18 ? ? N3    B DA 18 ? ? C4    B DA 18 ? ? 107.56 110.60 -3.04 0.50 N 
12 1 C2    B DG 19 ? ? N3    B DG 19 ? ? C4    B DG 19 ? ? 115.33 111.90 3.43  0.50 N 
13 1 C5    B DG 19 ? ? C6    B DG 19 ? ? N1    B DG 19 ? ? 115.31 111.50 3.81  0.50 N 
14 1 "O4'" B DG 20 ? ? "C1'" B DG 20 ? ? "C2'" B DG 20 ? ? 101.04 105.90 -4.86 0.80 N 
15 1 "O4'" B DG 20 ? ? "C1'" B DG 20 ? ? N9    B DG 20 ? ? 100.49 108.00 -7.51 0.70 N 
# 
loop_
_pdbx_struct_mod_residue.id 
_pdbx_struct_mod_residue.label_asym_id 
_pdbx_struct_mod_residue.label_comp_id 
_pdbx_struct_mod_residue.label_seq_id 
_pdbx_struct_mod_residue.auth_asym_id 
_pdbx_struct_mod_residue.auth_comp_id 
_pdbx_struct_mod_residue.auth_seq_id 
_pdbx_struct_mod_residue.PDB_ins_code 
_pdbx_struct_mod_residue.parent_comp_id 
_pdbx_struct_mod_residue.details 
1 A BRU 6 A BRU 6  ? DU ? 
2 B BRU 6 B BRU 16 ? DU ? 
# 
loop_
_pdbx_struct_special_symmetry.id 
_pdbx_struct_special_symmetry.PDB_model_num 
_pdbx_struct_special_symmetry.auth_asym_id 
_pdbx_struct_special_symmetry.auth_comp_id 
_pdbx_struct_special_symmetry.auth_seq_id 
_pdbx_struct_special_symmetry.PDB_ins_code 
_pdbx_struct_special_symmetry.label_asym_id 
_pdbx_struct_special_symmetry.label_comp_id 
_pdbx_struct_special_symmetry.label_seq_id 
1 1 A NCO 21   ? C NCO . 
2 1 A HOH 1117 ? D HOH . 
# 
loop_
_chem_comp_atom.comp_id 
_chem_comp_atom.atom_id 
_chem_comp_atom.type_symbol 
_chem_comp_atom.pdbx_aromatic_flag 
_chem_comp_atom.pdbx_stereo_config 
_chem_comp_atom.pdbx_ordinal 
BRU N1     N  N N 1   
BRU C2     C  N N 2   
BRU N3     N  N N 3   
BRU C4     C  N N 4   
BRU C5     C  N N 5   
BRU C6     C  N N 6   
BRU O2     O  N N 7   
BRU O4     O  N N 8   
BRU BR     BR N N 9   
BRU "C1'"  C  N R 10  
BRU "C2'"  C  N N 11  
BRU "C3'"  C  N S 12  
BRU "C4'"  C  N R 13  
BRU "O3'"  O  N N 14  
BRU "O4'"  O  N N 15  
BRU "C5'"  C  N N 16  
BRU "O5'"  O  N N 17  
BRU P      P  N N 18  
BRU OP1    O  N N 19  
BRU OP2    O  N N 20  
BRU OP3    O  N N 21  
BRU HN3    H  N N 22  
BRU H6     H  N N 23  
BRU "H1'"  H  N N 24  
BRU "H2'"  H  N N 25  
BRU "H2''" H  N N 26  
BRU "H3'"  H  N N 27  
BRU "H4'"  H  N N 28  
BRU "HO3'" H  N N 29  
BRU "H5'"  H  N N 30  
BRU "H5''" H  N N 31  
BRU HOP2   H  N N 32  
BRU HOP3   H  N N 33  
DA  OP3    O  N N 34  
DA  P      P  N N 35  
DA  OP1    O  N N 36  
DA  OP2    O  N N 37  
DA  "O5'"  O  N N 38  
DA  "C5'"  C  N N 39  
DA  "C4'"  C  N R 40  
DA  "O4'"  O  N N 41  
DA  "C3'"  C  N S 42  
DA  "O3'"  O  N N 43  
DA  "C2'"  C  N N 44  
DA  "C1'"  C  N R 45  
DA  N9     N  Y N 46  
DA  C8     C  Y N 47  
DA  N7     N  Y N 48  
DA  C5     C  Y N 49  
DA  C6     C  Y N 50  
DA  N6     N  N N 51  
DA  N1     N  Y N 52  
DA  C2     C  Y N 53  
DA  N3     N  Y N 54  
DA  C4     C  Y N 55  
DA  HOP3   H  N N 56  
DA  HOP2   H  N N 57  
DA  "H5'"  H  N N 58  
DA  "H5''" H  N N 59  
DA  "H4'"  H  N N 60  
DA  "H3'"  H  N N 61  
DA  "HO3'" H  N N 62  
DA  "H2'"  H  N N 63  
DA  "H2''" H  N N 64  
DA  "H1'"  H  N N 65  
DA  H8     H  N N 66  
DA  H61    H  N N 67  
DA  H62    H  N N 68  
DA  H2     H  N N 69  
DC  OP3    O  N N 70  
DC  P      P  N N 71  
DC  OP1    O  N N 72  
DC  OP2    O  N N 73  
DC  "O5'"  O  N N 74  
DC  "C5'"  C  N N 75  
DC  "C4'"  C  N R 76  
DC  "O4'"  O  N N 77  
DC  "C3'"  C  N S 78  
DC  "O3'"  O  N N 79  
DC  "C2'"  C  N N 80  
DC  "C1'"  C  N R 81  
DC  N1     N  N N 82  
DC  C2     C  N N 83  
DC  O2     O  N N 84  
DC  N3     N  N N 85  
DC  C4     C  N N 86  
DC  N4     N  N N 87  
DC  C5     C  N N 88  
DC  C6     C  N N 89  
DC  HOP3   H  N N 90  
DC  HOP2   H  N N 91  
DC  "H5'"  H  N N 92  
DC  "H5''" H  N N 93  
DC  "H4'"  H  N N 94  
DC  "H3'"  H  N N 95  
DC  "HO3'" H  N N 96  
DC  "H2'"  H  N N 97  
DC  "H2''" H  N N 98  
DC  "H1'"  H  N N 99  
DC  H41    H  N N 100 
DC  H42    H  N N 101 
DC  H5     H  N N 102 
DC  H6     H  N N 103 
DG  OP3    O  N N 104 
DG  P      P  N N 105 
DG  OP1    O  N N 106 
DG  OP2    O  N N 107 
DG  "O5'"  O  N N 108 
DG  "C5'"  C  N N 109 
DG  "C4'"  C  N R 110 
DG  "O4'"  O  N N 111 
DG  "C3'"  C  N S 112 
DG  "O3'"  O  N N 113 
DG  "C2'"  C  N N 114 
DG  "C1'"  C  N R 115 
DG  N9     N  Y N 116 
DG  C8     C  Y N 117 
DG  N7     N  Y N 118 
DG  C5     C  Y N 119 
DG  C6     C  N N 120 
DG  O6     O  N N 121 
DG  N1     N  N N 122 
DG  C2     C  N N 123 
DG  N2     N  N N 124 
DG  N3     N  N N 125 
DG  C4     C  Y N 126 
DG  HOP3   H  N N 127 
DG  HOP2   H  N N 128 
DG  "H5'"  H  N N 129 
DG  "H5''" H  N N 130 
DG  "H4'"  H  N N 131 
DG  "H3'"  H  N N 132 
DG  "HO3'" H  N N 133 
DG  "H2'"  H  N N 134 
DG  "H2''" H  N N 135 
DG  "H1'"  H  N N 136 
DG  H8     H  N N 137 
DG  H1     H  N N 138 
DG  H21    H  N N 139 
DG  H22    H  N N 140 
HOH O      O  N N 141 
HOH H1     H  N N 142 
HOH H2     H  N N 143 
NCO CO     CO N N 144 
NCO N1     N  N N 145 
NCO N2     N  N N 146 
NCO N3     N  N N 147 
NCO N4     N  N N 148 
NCO N5     N  N N 149 
NCO N6     N  N N 150 
NCO HN11   H  N N 151 
NCO HN12   H  N N 152 
NCO HN13   H  N N 153 
NCO HN21   H  N N 154 
NCO HN22   H  N N 155 
NCO HN23   H  N N 156 
NCO HN31   H  N N 157 
NCO HN32   H  N N 158 
NCO HN33   H  N N 159 
NCO HN41   H  N N 160 
NCO HN42   H  N N 161 
NCO HN43   H  N N 162 
NCO HN51   H  N N 163 
NCO HN52   H  N N 164 
NCO HN53   H  N N 165 
NCO HN61   H  N N 166 
NCO HN62   H  N N 167 
NCO HN63   H  N N 168 
# 
loop_
_chem_comp_bond.comp_id 
_chem_comp_bond.atom_id_1 
_chem_comp_bond.atom_id_2 
_chem_comp_bond.value_order 
_chem_comp_bond.pdbx_aromatic_flag 
_chem_comp_bond.pdbx_stereo_config 
_chem_comp_bond.pdbx_ordinal 
BRU N1    C2     sing N N 1   
BRU N1    C6     sing N N 2   
BRU N1    "C1'"  sing N N 3   
BRU C2    N3     sing N N 4   
BRU C2    O2     doub N N 5   
BRU N3    C4     sing N N 6   
BRU N3    HN3    sing N N 7   
BRU C4    C5     sing N N 8   
BRU C4    O4     doub N N 9   
BRU C5    C6     doub N N 10  
BRU C5    BR     sing N N 11  
BRU C6    H6     sing N N 12  
BRU "C1'" "C2'"  sing N N 13  
BRU "C1'" "O4'"  sing N N 14  
BRU "C1'" "H1'"  sing N N 15  
BRU "C2'" "C3'"  sing N N 16  
BRU "C2'" "H2'"  sing N N 17  
BRU "C2'" "H2''" sing N N 18  
BRU "C3'" "C4'"  sing N N 19  
BRU "C3'" "O3'"  sing N N 20  
BRU "C3'" "H3'"  sing N N 21  
BRU "C4'" "O4'"  sing N N 22  
BRU "C4'" "C5'"  sing N N 23  
BRU "C4'" "H4'"  sing N N 24  
BRU "O3'" "HO3'" sing N N 25  
BRU "C5'" "O5'"  sing N N 26  
BRU "C5'" "H5'"  sing N N 27  
BRU "C5'" "H5''" sing N N 28  
BRU "O5'" P      sing N N 29  
BRU P     OP1    doub N N 30  
BRU P     OP2    sing N N 31  
BRU P     OP3    sing N N 32  
BRU OP2   HOP2   sing N N 33  
BRU OP3   HOP3   sing N N 34  
DA  OP3   P      sing N N 35  
DA  OP3   HOP3   sing N N 36  
DA  P     OP1    doub N N 37  
DA  P     OP2    sing N N 38  
DA  P     "O5'"  sing N N 39  
DA  OP2   HOP2   sing N N 40  
DA  "O5'" "C5'"  sing N N 41  
DA  "C5'" "C4'"  sing N N 42  
DA  "C5'" "H5'"  sing N N 43  
DA  "C5'" "H5''" sing N N 44  
DA  "C4'" "O4'"  sing N N 45  
DA  "C4'" "C3'"  sing N N 46  
DA  "C4'" "H4'"  sing N N 47  
DA  "O4'" "C1'"  sing N N 48  
DA  "C3'" "O3'"  sing N N 49  
DA  "C3'" "C2'"  sing N N 50  
DA  "C3'" "H3'"  sing N N 51  
DA  "O3'" "HO3'" sing N N 52  
DA  "C2'" "C1'"  sing N N 53  
DA  "C2'" "H2'"  sing N N 54  
DA  "C2'" "H2''" sing N N 55  
DA  "C1'" N9     sing N N 56  
DA  "C1'" "H1'"  sing N N 57  
DA  N9    C8     sing Y N 58  
DA  N9    C4     sing Y N 59  
DA  C8    N7     doub Y N 60  
DA  C8    H8     sing N N 61  
DA  N7    C5     sing Y N 62  
DA  C5    C6     sing Y N 63  
DA  C5    C4     doub Y N 64  
DA  C6    N6     sing N N 65  
DA  C6    N1     doub Y N 66  
DA  N6    H61    sing N N 67  
DA  N6    H62    sing N N 68  
DA  N1    C2     sing Y N 69  
DA  C2    N3     doub Y N 70  
DA  C2    H2     sing N N 71  
DA  N3    C4     sing Y N 72  
DC  OP3   P      sing N N 73  
DC  OP3   HOP3   sing N N 74  
DC  P     OP1    doub N N 75  
DC  P     OP2    sing N N 76  
DC  P     "O5'"  sing N N 77  
DC  OP2   HOP2   sing N N 78  
DC  "O5'" "C5'"  sing N N 79  
DC  "C5'" "C4'"  sing N N 80  
DC  "C5'" "H5'"  sing N N 81  
DC  "C5'" "H5''" sing N N 82  
DC  "C4'" "O4'"  sing N N 83  
DC  "C4'" "C3'"  sing N N 84  
DC  "C4'" "H4'"  sing N N 85  
DC  "O4'" "C1'"  sing N N 86  
DC  "C3'" "O3'"  sing N N 87  
DC  "C3'" "C2'"  sing N N 88  
DC  "C3'" "H3'"  sing N N 89  
DC  "O3'" "HO3'" sing N N 90  
DC  "C2'" "C1'"  sing N N 91  
DC  "C2'" "H2'"  sing N N 92  
DC  "C2'" "H2''" sing N N 93  
DC  "C1'" N1     sing N N 94  
DC  "C1'" "H1'"  sing N N 95  
DC  N1    C2     sing N N 96  
DC  N1    C6     sing N N 97  
DC  C2    O2     doub N N 98  
DC  C2    N3     sing N N 99  
DC  N3    C4     doub N N 100 
DC  C4    N4     sing N N 101 
DC  C4    C5     sing N N 102 
DC  N4    H41    sing N N 103 
DC  N4    H42    sing N N 104 
DC  C5    C6     doub N N 105 
DC  C5    H5     sing N N 106 
DC  C6    H6     sing N N 107 
DG  OP3   P      sing N N 108 
DG  OP3   HOP3   sing N N 109 
DG  P     OP1    doub N N 110 
DG  P     OP2    sing N N 111 
DG  P     "O5'"  sing N N 112 
DG  OP2   HOP2   sing N N 113 
DG  "O5'" "C5'"  sing N N 114 
DG  "C5'" "C4'"  sing N N 115 
DG  "C5'" "H5'"  sing N N 116 
DG  "C5'" "H5''" sing N N 117 
DG  "C4'" "O4'"  sing N N 118 
DG  "C4'" "C3'"  sing N N 119 
DG  "C4'" "H4'"  sing N N 120 
DG  "O4'" "C1'"  sing N N 121 
DG  "C3'" "O3'"  sing N N 122 
DG  "C3'" "C2'"  sing N N 123 
DG  "C3'" "H3'"  sing N N 124 
DG  "O3'" "HO3'" sing N N 125 
DG  "C2'" "C1'"  sing N N 126 
DG  "C2'" "H2'"  sing N N 127 
DG  "C2'" "H2''" sing N N 128 
DG  "C1'" N9     sing N N 129 
DG  "C1'" "H1'"  sing N N 130 
DG  N9    C8     sing Y N 131 
DG  N9    C4     sing Y N 132 
DG  C8    N7     doub Y N 133 
DG  C8    H8     sing N N 134 
DG  N7    C5     sing Y N 135 
DG  C5    C6     sing N N 136 
DG  C5    C4     doub Y N 137 
DG  C6    O6     doub N N 138 
DG  C6    N1     sing N N 139 
DG  N1    C2     sing N N 140 
DG  N1    H1     sing N N 141 
DG  C2    N2     sing N N 142 
DG  C2    N3     doub N N 143 
DG  N2    H21    sing N N 144 
DG  N2    H22    sing N N 145 
DG  N3    C4     sing N N 146 
HOH O     H1     sing N N 147 
HOH O     H2     sing N N 148 
NCO CO    N1     sing N N 149 
NCO CO    N2     sing N N 150 
NCO CO    N3     sing N N 151 
NCO CO    N4     sing N N 152 
NCO CO    N5     sing N N 153 
NCO CO    N6     sing N N 154 
NCO N1    HN11   sing N N 155 
NCO N1    HN12   sing N N 156 
NCO N1    HN13   sing N N 157 
NCO N2    HN21   sing N N 158 
NCO N2    HN22   sing N N 159 
NCO N2    HN23   sing N N 160 
NCO N3    HN31   sing N N 161 
NCO N3    HN32   sing N N 162 
NCO N3    HN33   sing N N 163 
NCO N4    HN41   sing N N 164 
NCO N4    HN42   sing N N 165 
NCO N4    HN43   sing N N 166 
NCO N5    HN51   sing N N 167 
NCO N5    HN52   sing N N 168 
NCO N5    HN53   sing N N 169 
NCO N6    HN61   sing N N 170 
NCO N6    HN62   sing N N 171 
NCO N6    HN63   sing N N 172 
# 
loop_
_ndb_struct_conf_na.entry_id 
_ndb_struct_conf_na.feature 
1D9R 'double helix'         
1D9R 'b-form double helix'  
1D9R 'mismatched base pair' 
# 
loop_
_ndb_struct_na_base_pair.model_number 
_ndb_struct_na_base_pair.i_label_asym_id 
_ndb_struct_na_base_pair.i_label_comp_id 
_ndb_struct_na_base_pair.i_label_seq_id 
_ndb_struct_na_base_pair.i_symmetry 
_ndb_struct_na_base_pair.j_label_asym_id 
_ndb_struct_na_base_pair.j_label_comp_id 
_ndb_struct_na_base_pair.j_label_seq_id 
_ndb_struct_na_base_pair.j_symmetry 
_ndb_struct_na_base_pair.shear 
_ndb_struct_na_base_pair.stretch 
_ndb_struct_na_base_pair.stagger 
_ndb_struct_na_base_pair.buckle 
_ndb_struct_na_base_pair.propeller 
_ndb_struct_na_base_pair.opening 
_ndb_struct_na_base_pair.pair_number 
_ndb_struct_na_base_pair.pair_name 
_ndb_struct_na_base_pair.i_auth_asym_id 
_ndb_struct_na_base_pair.i_auth_seq_id 
_ndb_struct_na_base_pair.i_PDB_ins_code 
_ndb_struct_na_base_pair.j_auth_asym_id 
_ndb_struct_na_base_pair.j_auth_seq_id 
_ndb_struct_na_base_pair.j_PDB_ins_code 
_ndb_struct_na_base_pair.hbond_type_28 
_ndb_struct_na_base_pair.hbond_type_12 
1 A DC  1  1_555 B DG  10 1_555 0.203  -0.307 0.434  -4.962  -10.942 2.328  1  A_DC1:DG20_B  A 1  ? B 20 ? 19 1 
1 A DC  2  1_555 B DG  9  1_555 0.223  -0.117 -0.123 2.480   6.284   -0.705 2  A_DC2:DG19_B  A 2  ? B 19 ? 19 1 
1 A DG  3  1_555 B DA  8  1_555 6.473  -4.480 0.769  29.510  3.876   3.732  3  A_DG3:DA18_B  A 3  ? B 18 ? 11 9 
1 A DA  4  1_555 B DG  7  1_555 -6.513 -4.415 0.592  -32.870 -8.907  4.664  4  A_DA4:DG17_B  A 4  ? B 17 ? 11 9 
1 A DA  5  1_555 B BRU 6  1_555 0.053  -0.064 -0.020 -7.746  5.183   3.011  5  A_DA5:BRU16_B A 5  ? B 16 ? 20 1 
1 A BRU 6  1_555 B DA  5  1_555 0.038  -0.158 -0.312 4.136   5.412   -1.389 6  A_BRU6:DA15_B A 6  ? B 15 ? 20 1 
1 A DG  7  1_555 B DA  4  1_555 6.665  -4.624 0.673  36.149  -5.408  1.144  7  A_DG7:DA14_B  A 7  ? B 14 ? 11 9 
1 A DA  8  1_555 B DG  3  1_555 -6.544 -4.478 0.612  -31.466 -1.026  3.016  8  A_DA8:DG13_B  A 8  ? B 13 ? 11 9 
1 A DG  9  1_555 B DC  2  1_555 -0.231 -0.163 -0.031 1.028   8.310   -2.448 9  A_DG9:DC12_B  A 9  ? B 12 ? 19 1 
1 A DG  10 1_555 B DC  1  1_555 -0.170 -0.193 0.324  12.046  -8.424  -2.740 10 A_DG10:DC11_B A 10 ? B 11 ? 19 1 
# 
loop_
_ndb_struct_na_base_pair_step.model_number 
_ndb_struct_na_base_pair_step.i_label_asym_id_1 
_ndb_struct_na_base_pair_step.i_label_comp_id_1 
_ndb_struct_na_base_pair_step.i_label_seq_id_1 
_ndb_struct_na_base_pair_step.i_symmetry_1 
_ndb_struct_na_base_pair_step.j_label_asym_id_1 
_ndb_struct_na_base_pair_step.j_label_comp_id_1 
_ndb_struct_na_base_pair_step.j_label_seq_id_1 
_ndb_struct_na_base_pair_step.j_symmetry_1 
_ndb_struct_na_base_pair_step.i_label_asym_id_2 
_ndb_struct_na_base_pair_step.i_label_comp_id_2 
_ndb_struct_na_base_pair_step.i_label_seq_id_2 
_ndb_struct_na_base_pair_step.i_symmetry_2 
_ndb_struct_na_base_pair_step.j_label_asym_id_2 
_ndb_struct_na_base_pair_step.j_label_comp_id_2 
_ndb_struct_na_base_pair_step.j_label_seq_id_2 
_ndb_struct_na_base_pair_step.j_symmetry_2 
_ndb_struct_na_base_pair_step.shift 
_ndb_struct_na_base_pair_step.slide 
_ndb_struct_na_base_pair_step.rise 
_ndb_struct_na_base_pair_step.tilt 
_ndb_struct_na_base_pair_step.roll 
_ndb_struct_na_base_pair_step.twist 
_ndb_struct_na_base_pair_step.x_displacement 
_ndb_struct_na_base_pair_step.y_displacement 
_ndb_struct_na_base_pair_step.helical_rise 
_ndb_struct_na_base_pair_step.inclination 
_ndb_struct_na_base_pair_step.tip 
_ndb_struct_na_base_pair_step.helical_twist 
_ndb_struct_na_base_pair_step.step_number 
_ndb_struct_na_base_pair_step.step_name 
_ndb_struct_na_base_pair_step.i_auth_asym_id_1 
_ndb_struct_na_base_pair_step.i_auth_seq_id_1 
_ndb_struct_na_base_pair_step.i_PDB_ins_code_1 
_ndb_struct_na_base_pair_step.j_auth_asym_id_1 
_ndb_struct_na_base_pair_step.j_auth_seq_id_1 
_ndb_struct_na_base_pair_step.j_PDB_ins_code_1 
_ndb_struct_na_base_pair_step.i_auth_asym_id_2 
_ndb_struct_na_base_pair_step.i_auth_seq_id_2 
_ndb_struct_na_base_pair_step.i_PDB_ins_code_2 
_ndb_struct_na_base_pair_step.j_auth_asym_id_2 
_ndb_struct_na_base_pair_step.j_auth_seq_id_2 
_ndb_struct_na_base_pair_step.j_PDB_ins_code_2 
1 A DC  1 1_555 B DG  10 1_555 A DC  2  1_555 B DG  9 1_555 0.909  1.199  3.312 6.303  3.749  34.761 1.387  -0.516  3.524 6.191  
-10.406 35.503 1 AA_DC1DC2:DG19DG20_BB   A 1 ? B 20 ? A 2  ? B 19 ? 
1 A DC  2 1_555 B DG  9  1_555 A DG  3  1_555 B DA  8 1_555 0.529  1.556  2.952 -4.864 6.935  56.794 1.273  -0.795  3.056 7.246  
5.083   57.371 2 AA_DC2DG3:DA18DG19_BB   A 2 ? B 19 ? A 3  ? B 18 ? 
1 A DG  3 1_555 B DA  8  1_555 A DA  4  1_555 B DG  7 1_555 0.200  -1.263 4.859 -1.911 -3.206 -5.007 32.946 -10.891 3.310 31.544 
-18.796 -6.244 3 AA_DG3DA4:DG17DA18_BB   A 3 ? B 18 ? A 4  ? B 17 ? 
1 A DA  4 1_555 B DG  7  1_555 A DA  5  1_555 B BRU 6 1_555 -0.930 1.341  3.198 2.725  1.974  64.531 1.173  0.983   3.196 1.848  
-2.551  64.609 4 AA_DA4DA5:BRU16DG17_BB  A 4 ? B 17 ? A 5  ? B 16 ? 
1 A DA  5 1_555 B BRU 6  1_555 A BRU 6  1_555 B DA  5 1_555 -0.198 -0.285 3.139 2.907  5.158  23.289 -2.259 1.363   2.961 12.520 
-7.056  24.020 5 AA_DA5BRU6:DA15BRU16_BB A 5 ? B 16 ? A 6  ? B 15 ? 
1 A BRU 6 1_555 B DA  5  1_555 A DG  7  1_555 B DA  4 1_555 0.835  1.959  3.029 -3.308 4.519  67.223 1.601  -0.872  3.100 4.074  
2.983   67.428 6 AA_BRU6DG7:DA14DA15_BB  A 6 ? B 15 ? A 7  ? B 14 ? 
1 A DG  7 1_555 B DA  4  1_555 A DA  8  1_555 B DG  3 1_555 -0.072 -1.456 4.876 0.603  -0.103 -7.647 11.370 2.315   4.847 0.769  
4.510   -7.671 7 AA_DG7DA8:DG13DA14_BB   A 7 ? B 14 ? A 8  ? B 13 ? 
1 A DA  8 1_555 B DG  3  1_555 A DG  9  1_555 B DC  2 1_555 -0.713 1.493  2.834 2.545  3.074  57.624 1.402  0.857   2.872 3.184  
-2.637  57.750 8 AA_DA8DG9:DC12DG13_BB   A 8 ? B 13 ? A 9  ? B 12 ? 
1 A DG  9 1_555 B DC  2  1_555 A DG  10 1_555 B DC  1 1_555 -0.204 0.093  3.287 -4.752 8.111  31.662 -1.233 -0.459  3.209 14.471 
8.478   32.994 9 AA_DG9DG10:DC11DC12_BB  A 9 ? B 12 ? A 10 ? B 11 ? 
# 
_atom_sites.entry_id                    1D9R 
_atom_sites.fract_transf_matrix[1][1]   0.00308874 
_atom_sites.fract_transf_matrix[1][2]   -0.04382923 
_atom_sites.fract_transf_matrix[1][3]   -0.00287666 
_atom_sites.fract_transf_matrix[2][1]   -0.01476648 
_atom_sites.fract_transf_matrix[2][2]   -0.00113326 
_atom_sites.fract_transf_matrix[2][3]   0.00141136 
_atom_sites.fract_transf_matrix[3][1]   -0.00137104 
_atom_sites.fract_transf_matrix[3][2]   0.00080257 
_atom_sites.fract_transf_matrix[3][3]   -0.01370020 
_atom_sites.fract_transf_vector[1]      0.040311 
_atom_sites.fract_transf_vector[2]      0.106122 
_atom_sites.fract_transf_vector[3]      0.118467 
# 
loop_
_atom_type.symbol 
BR 
C  
CO 
N  
O  
P  
# 
loop_
_atom_site.group_PDB 
_atom_site.id 
_atom_site.type_symbol 
_atom_site.label_atom_id 
_atom_site.label_alt_id 
_atom_site.label_comp_id 
_atom_site.label_asym_id 
_atom_site.label_entity_id 
_atom_site.label_seq_id 
_atom_site.pdbx_PDB_ins_code 
_atom_site.Cartn_x 
_atom_site.Cartn_y 
_atom_site.Cartn_z 
_atom_site.occupancy 
_atom_site.B_iso_or_equiv 
_atom_site.pdbx_formal_charge 
_atom_site.auth_seq_id 
_atom_site.auth_comp_id 
_atom_site.auth_asym_id 
_atom_site.auth_atom_id 
_atom_site.pdbx_PDB_model_num 
ATOM   1   O  "O5'" . DC  A 1 1  ? -16.230 3.080   -6.843  1.00 66.79 ? 1    DC  A "O5'" 1 
ATOM   2   C  "C5'" . DC  A 1 1  ? -17.102 4.015   -6.172  1.00 54.68 ? 1    DC  A "C5'" 1 
ATOM   3   C  "C4'" . DC  A 1 1  ? -16.267 5.139   -5.593  1.00 51.91 ? 1    DC  A "C4'" 1 
ATOM   4   O  "O4'" . DC  A 1 1  ? -16.512 5.209   -4.169  1.00 51.64 ? 1    DC  A "O4'" 1 
ATOM   5   C  "C3'" . DC  A 1 1  ? -14.766 4.910   -5.750  1.00 49.91 ? 1    DC  A "C3'" 1 
ATOM   6   O  "O3'" . DC  A 1 1  ? -14.254 5.592   -6.896  1.00 46.99 ? 1    DC  A "O3'" 1 
ATOM   7   C  "C2'" . DC  A 1 1  ? -14.172 5.396   -4.460  1.00 47.24 ? 1    DC  A "C2'" 1 
ATOM   8   C  "C1'" . DC  A 1 1  ? -15.301 5.449   -3.469  1.00 40.82 ? 1    DC  A "C1'" 1 
ATOM   9   N  N1    . DC  A 1 1  ? -15.270 4.580   -2.295  1.00 31.80 ? 1    DC  A N1    1 
ATOM   10  C  C2    . DC  A 1 1  ? -14.995 5.097   -1.027  1.00 24.39 ? 1    DC  A C2    1 
ATOM   11  O  O2    . DC  A 1 1  ? -14.732 6.301   -0.903  1.00 37.79 ? 1    DC  A O2    1 
ATOM   12  N  N3    . DC  A 1 1  ? -14.968 4.273   0.036   1.00 29.08 ? 1    DC  A N3    1 
ATOM   13  C  C4    . DC  A 1 1  ? -15.189 2.964   -0.088  1.00 32.42 ? 1    DC  A C4    1 
ATOM   14  N  N4    . DC  A 1 1  ? -15.249 2.228   1.020   1.00 33.21 ? 1    DC  A N4    1 
ATOM   15  C  C5    . DC  A 1 1  ? -15.450 2.399   -1.368  1.00 34.99 ? 1    DC  A C5    1 
ATOM   16  C  C6    . DC  A 1 1  ? -15.472 3.228   -2.419  1.00 31.63 ? 1    DC  A C6    1 
ATOM   17  P  P     . DC  A 1 2  ? -12.811 5.232   -7.513  1.00 46.91 ? 2    DC  A P     1 
ATOM   18  O  OP1   . DC  A 1 2  ? -12.731 5.861   -8.865  1.00 55.61 ? 2    DC  A OP1   1 
ATOM   19  O  OP2   . DC  A 1 2  ? -12.603 3.771   -7.382  1.00 41.71 ? 2    DC  A OP2   1 
ATOM   20  O  "O5'" . DC  A 1 2  ? -11.761 5.998   -6.603  1.00 39.91 ? 2    DC  A "O5'" 1 
ATOM   21  C  "C5'" . DC  A 1 2  ? -11.949 7.409   -6.331  1.00 42.17 ? 2    DC  A "C5'" 1 
ATOM   22  C  "C4'" . DC  A 1 2  ? -11.189 7.863   -5.106  1.00 32.18 ? 2    DC  A "C4'" 1 
ATOM   23  O  "O4'" . DC  A 1 2  ? -11.580 7.085   -3.946  1.00 35.03 ? 2    DC  A "O4'" 1 
ATOM   24  C  "C3'" . DC  A 1 2  ? -9.673  7.677   -5.228  1.00 23.45 ? 2    DC  A "C3'" 1 
ATOM   25  O  "O3'" . DC  A 1 2  ? -9.024  8.781   -4.590  1.00 28.91 ? 2    DC  A "O3'" 1 
ATOM   26  C  "C2'" . DC  A 1 2  ? -9.422  6.349   -4.558  1.00 26.21 ? 2    DC  A "C2'" 1 
ATOM   27  C  "C1'" . DC  A 1 2  ? -10.436 6.396   -3.426  1.00 21.69 ? 2    DC  A "C1'" 1 
ATOM   28  N  N1    . DC  A 1 2  ? -10.927 5.093   -2.988  1.00 19.59 ? 2    DC  A N1    1 
ATOM   29  C  C2    . DC  A 1 2  ? -11.060 4.893   -1.598  1.00 15.78 ? 2    DC  A C2    1 
ATOM   30  O  O2    . DC  A 1 2  ? -10.696 5.850   -0.893  1.00 22.41 ? 2    DC  A O2    1 
ATOM   31  N  N3    . DC  A 1 2  ? -11.536 3.738   -1.119  1.00 19.49 ? 2    DC  A N3    1 
ATOM   32  C  C4    . DC  A 1 2  ? -11.772 2.723   -1.962  1.00 18.19 ? 2    DC  A C4    1 
ATOM   33  N  N4    . DC  A 1 2  ? -12.247 1.587   -1.453  1.00 20.49 ? 2    DC  A N4    1 
ATOM   34  C  C5    . DC  A 1 2  ? -11.755 2.923   -3.385  1.00 18.31 ? 2    DC  A C5    1 
ATOM   35  C  C6    . DC  A 1 2  ? -11.218 4.068   -3.846  1.00 23.18 ? 2    DC  A C6    1 
ATOM   36  P  P     . DG  A 1 3  ? -7.452  8.966   -4.804  1.00 37.17 ? 3    DG  A P     1 
ATOM   37  O  OP1   . DG  A 1 3  ? -7.066  10.317  -4.345  1.00 51.53 ? 3    DG  A OP1   1 
ATOM   38  O  OP2   . DG  A 1 3  ? -7.075  8.512   -6.160  1.00 39.82 ? 3    DG  A OP2   1 
ATOM   39  O  "O5'" . DG  A 1 3  ? -6.847  7.896   -3.779  1.00 28.80 ? 3    DG  A "O5'" 1 
ATOM   40  C  "C5'" . DG  A 1 3  ? -7.265  8.024   -2.399  1.00 28.45 ? 3    DG  A "C5'" 1 
ATOM   41  C  "C4'" . DG  A 1 3  ? -6.663  6.894   -1.598  1.00 20.45 ? 3    DG  A "C4'" 1 
ATOM   42  O  "O4'" . DG  A 1 3  ? -7.389  5.684   -1.949  1.00 19.87 ? 3    DG  A "O4'" 1 
ATOM   43  C  "C3'" . DG  A 1 3  ? -5.197  6.608   -1.925  1.00 25.38 ? 3    DG  A "C3'" 1 
ATOM   44  O  "O3'" . DG  A 1 3  ? -4.525  6.341   -0.688  1.00 25.65 ? 3    DG  A "O3'" 1 
ATOM   45  C  "C2'" . DG  A 1 3  ? -5.239  5.330   -2.752  1.00 21.93 ? 3    DG  A "C2'" 1 
ATOM   46  C  "C1'" . DG  A 1 3  ? -6.480  4.651   -2.186  1.00 19.75 ? 3    DG  A "C1'" 1 
ATOM   47  N  N9    . DG  A 1 3  ? -7.154  3.722   -3.070  1.00 16.78 ? 3    DG  A N9    1 
ATOM   48  C  C8    . DG  A 1 3  ? -7.195  3.791   -4.451  1.00 21.37 ? 3    DG  A C8    1 
ATOM   49  N  N7    . DG  A 1 3  ? -7.880  2.831   -4.993  1.00 21.29 ? 3    DG  A N7    1 
ATOM   50  C  C5    . DG  A 1 3  ? -8.283  2.054   -3.915  1.00 21.13 ? 3    DG  A C5    1 
ATOM   51  C  C6    . DG  A 1 3  ? -9.050  0.867   -3.874  1.00 23.44 ? 3    DG  A C6    1 
ATOM   52  O  O6    . DG  A 1 3  ? -9.532  0.241   -4.832  1.00 26.63 ? 3    DG  A O6    1 
ATOM   53  N  N1    . DG  A 1 3  ? -9.247  0.410   -2.565  1.00 20.38 ? 3    DG  A N1    1 
ATOM   54  C  C2    . DG  A 1 3  ? -8.752  1.048   -1.457  1.00 17.69 ? 3    DG  A C2    1 
ATOM   55  N  N2    . DG  A 1 3  ? -9.044  0.481   -0.282  1.00 20.83 ? 3    DG  A N2    1 
ATOM   56  N  N3    . DG  A 1 3  ? -8.049  2.161   -1.481  1.00 20.01 ? 3    DG  A N3    1 
ATOM   57  C  C4    . DG  A 1 3  ? -7.850  2.605   -2.734  1.00 21.77 ? 3    DG  A C4    1 
ATOM   58  P  P     . DA  A 1 4  ? -3.081  6.983   -0.448  1.00 33.19 ? 4    DA  A P     1 
ATOM   59  O  OP1   . DA  A 1 4  ? -3.094  8.418   -0.842  1.00 41.42 ? 4    DA  A OP1   1 
ATOM   60  O  OP2   . DA  A 1 4  ? -2.068  6.075   -1.040  1.00 35.20 ? 4    DA  A OP2   1 
ATOM   61  O  "O5'" . DA  A 1 4  ? -2.972  6.921   1.141   1.00 26.07 ? 4    DA  A "O5'" 1 
ATOM   62  C  "C5'" . DA  A 1 4  ? -3.790  7.836   1.920   1.00 29.14 ? 4    DA  A "C5'" 1 
ATOM   63  C  "C4'" . DA  A 1 4  ? -4.074  7.254   3.277   1.00 30.51 ? 4    DA  A "C4'" 1 
ATOM   64  O  "O4'" . DA  A 1 4  ? -4.918  6.094   3.104   1.00 25.48 ? 4    DA  A "O4'" 1 
ATOM   65  C  "C3'" . DA  A 1 4  ? -2.824  6.774   4.020   1.00 28.44 ? 4    DA  A "C3'" 1 
ATOM   66  O  "O3'" . DA  A 1 4  ? -3.053  7.013   5.420   1.00 33.41 ? 4    DA  A "O3'" 1 
ATOM   67  C  "C2'" . DA  A 1 4  ? -2.864  5.275   3.861   1.00 27.66 ? 4    DA  A "C2'" 1 
ATOM   68  C  "C1'" . DA  A 1 4  ? -4.386  4.975   3.781   1.00 21.32 ? 4    DA  A "C1'" 1 
ATOM   69  N  N9    . DA  A 1 4  ? -4.451  3.811   2.891   1.00 20.62 ? 4    DA  A N9    1 
ATOM   70  C  C8    . DA  A 1 4  ? -4.559  3.811   1.520   1.00 20.67 ? 4    DA  A C8    1 
ATOM   71  N  N7    . DA  A 1 4  ? -4.587  2.583   1.031   1.00 23.57 ? 4    DA  A N7    1 
ATOM   72  C  C5    . DA  A 1 4  ? -4.457  1.757   2.130   1.00 22.93 ? 4    DA  A C5    1 
ATOM   73  C  C6    . DA  A 1 4  ? -4.382  0.363   2.291   1.00 23.04 ? 4    DA  A C6    1 
ATOM   74  N  N6    . DA  A 1 4  ? -4.455  -0.469  1.233   1.00 24.97 ? 4    DA  A N6    1 
ATOM   75  N  N1    . DA  A 1 4  ? -4.265  -0.167  3.516   1.00 21.26 ? 4    DA  A N1    1 
ATOM   76  C  C2    . DA  A 1 4  ? -4.191  0.680   4.567   1.00 23.77 ? 4    DA  A C2    1 
ATOM   77  N  N3    . DA  A 1 4  ? -4.232  2.011   4.531   1.00 22.62 ? 4    DA  A N3    1 
ATOM   78  C  C4    . DA  A 1 4  ? -4.362  2.502   3.295   1.00 22.16 ? 4    DA  A C4    1 
ATOM   79  P  P     . DA  A 1 5  ? -1.812  7.156   6.437   1.00 39.62 ? 5    DA  A P     1 
ATOM   80  O  OP1   . DA  A 1 5  ? -2.401  7.621   7.725   1.00 40.01 ? 5    DA  A OP1   1 
ATOM   81  O  OP2   . DA  A 1 5  ? -0.773  7.911   5.719   1.00 36.89 ? 5    DA  A OP2   1 
ATOM   82  O  "O5'" . DA  A 1 5  ? -1.274  5.685   6.623   1.00 29.46 ? 5    DA  A "O5'" 1 
ATOM   83  C  "C5'" . DA  A 1 5  ? -1.867  4.695   7.458   1.00 32.38 ? 5    DA  A "C5'" 1 
ATOM   84  C  "C4'" . DA  A 1 5  ? -1.161  3.381   7.328   1.00 29.09 ? 5    DA  A "C4'" 1 
ATOM   85  O  "O4'" . DA  A 1 5  ? -1.352  2.834   6.013   1.00 24.79 ? 5    DA  A "O4'" 1 
ATOM   86  C  "C3'" . DA  A 1 5  ? 0.335   3.314   7.607   1.00 29.75 ? 5    DA  A "C3'" 1 
ATOM   87  O  "O3'" . DA  A 1 5  ? 0.527   2.460   8.749   1.00 35.70 ? 5    DA  A "O3'" 1 
ATOM   88  C  "C2'" . DA  A 1 5  ? 0.964   2.732   6.368   1.00 29.33 ? 5    DA  A "C2'" 1 
ATOM   89  C  "C1'" . DA  A 1 5  ? -0.183  2.140   5.575   1.00 26.01 ? 5    DA  A "C1'" 1 
ATOM   90  N  N9    . DA  A 1 5  ? -0.230  2.409   4.140   1.00 26.90 ? 5    DA  A N9    1 
ATOM   91  C  C8    . DA  A 1 5  ? -0.031  3.619   3.522   1.00 20.57 ? 5    DA  A C8    1 
ATOM   92  N  N7    . DA  A 1 5  ? -0.173  3.550   2.210   1.00 28.86 ? 5    DA  A N7    1 
ATOM   93  C  C5    . DA  A 1 5  ? -0.481  2.215   1.980   1.00 20.61 ? 5    DA  A C5    1 
ATOM   94  C  C6    . DA  A 1 5  ? -0.775  1.483   0.802   1.00 22.97 ? 5    DA  A C6    1 
ATOM   95  N  N6    . DA  A 1 5  ? -0.773  2.012   -0.426  1.00 28.80 ? 5    DA  A N6    1 
ATOM   96  N  N1    . DA  A 1 5  ? -1.059  0.174   0.936   1.00 22.97 ? 5    DA  A N1    1 
ATOM   97  C  C2    . DA  A 1 5  ? -1.075  -0.385  2.151   1.00 32.51 ? 5    DA  A C2    1 
ATOM   98  N  N3    . DA  A 1 5  ? -0.828  0.210   3.327   1.00 23.14 ? 5    DA  A N3    1 
ATOM   99  C  C4    . DA  A 1 5  ? -0.553  1.509   3.147   1.00 21.87 ? 5    DA  A C4    1 
HETATM 100 N  N1    . BRU A 1 6  ? 2.849   -0.527  3.995   1.00 23.66 ? 6    BRU A N1    1 
HETATM 101 C  C2    . BRU A 1 6  ? 2.441   -1.144  2.822   1.00 21.18 ? 6    BRU A C2    1 
HETATM 102 N  N3    . BRU A 1 6  ? 2.337   -0.307  1.755   1.00 21.11 ? 6    BRU A N3    1 
HETATM 103 C  C4    . BRU A 1 6  ? 2.585   1.041   1.639   1.00 23.08 ? 6    BRU A C4    1 
HETATM 104 C  C5    . BRU A 1 6  ? 3.114   1.607   2.867   1.00 23.14 ? 6    BRU A C5    1 
HETATM 105 C  C6    . BRU A 1 6  ? 3.161   0.814   3.934   1.00 23.00 ? 6    BRU A C6    1 
HETATM 106 O  O2    . BRU A 1 6  ? 2.173   -2.323  2.779   1.00 24.95 ? 6    BRU A O2    1 
HETATM 107 O  O4    . BRU A 1 6  ? 2.519   1.649   0.568   1.00 31.22 ? 6    BRU A O4    1 
HETATM 108 BR BR    . BRU A 1 6  ? 3.392   3.473   2.944   1.00 40.28 ? 6    BRU A BR    1 
HETATM 109 C  "C1'" . BRU A 1 6  ? 2.960   -1.339  5.201   1.00 29.52 ? 6    BRU A "C1'" 1 
HETATM 110 C  "C2'" . BRU A 1 6  ? 4.272   -1.187  5.958   1.00 34.14 ? 6    BRU A "C2'" 1 
HETATM 111 C  "C3'" . BRU A 1 6  ? 3.879   -1.439  7.405   1.00 38.48 ? 6    BRU A "C3'" 1 
HETATM 112 C  "C4'" . BRU A 1 6  ? 2.459   -0.905  7.440   1.00 39.77 ? 6    BRU A "C4'" 1 
HETATM 113 O  "O3'" . BRU A 1 6  ? 3.858   -2.865  7.639   1.00 38.37 ? 6    BRU A "O3'" 1 
HETATM 114 O  "O4'" . BRU A 1 6  ? 1.956   -0.847  6.095   1.00 30.06 ? 6    BRU A "O4'" 1 
HETATM 115 C  "C5'" . BRU A 1 6  ? 2.020   0.148   8.355   1.00 22.48 ? 6    BRU A "C5'" 1 
HETATM 116 O  "O5'" . BRU A 1 6  ? 2.731   1.381   8.501   1.00 38.83 ? 6    BRU A "O5'" 1 
HETATM 117 P  P     . BRU A 1 6  ? 2.026   2.484   9.412   1.00 40.29 ? 6    BRU A P     1 
HETATM 118 O  OP1   . BRU A 1 6  ? 1.845   1.930   10.773  1.00 53.85 ? 6    BRU A OP1   1 
HETATM 119 O  OP2   . BRU A 1 6  ? 2.579   3.813   9.132   1.00 49.31 ? 6    BRU A OP2   1 
ATOM   120 P  P     . DG  A 1 7  ? 5.249   -3.654  7.857   1.00 46.17 ? 7    DG  A P     1 
ATOM   121 O  OP1   . DG  A 1 7  ? 5.000   -4.956  8.497   1.00 42.88 ? 7    DG  A OP1   1 
ATOM   122 O  OP2   . DG  A 1 7  ? 6.179   -2.631  8.371   1.00 22.82 ? 7    DG  A OP2   1 
ATOM   123 O  "O5'" . DG  A 1 7  ? 5.781   -3.912  6.363   1.00 37.44 ? 7    DG  A "O5'" 1 
ATOM   124 C  "C5'" . DG  A 1 7  ? 4.921   -4.703  5.498   1.00 35.72 ? 7    DG  A "C5'" 1 
ATOM   125 C  "C4'" . DG  A 1 7  ? 5.547   -4.696  4.121   1.00 34.82 ? 7    DG  A "C4'" 1 
ATOM   126 O  "O4'" . DG  A 1 7  ? 5.624   -3.333  3.613   1.00 27.73 ? 7    DG  A "O4'" 1 
ATOM   127 C  "C3'" . DG  A 1 7  ? 7.004   -5.210  4.189   1.00 32.44 ? 7    DG  A "C3'" 1 
ATOM   128 O  "O3'" . DG  A 1 7  ? 7.223   -5.916  2.959   1.00 41.14 ? 7    DG  A "O3'" 1 
ATOM   129 C  "C2'" . DG  A 1 7  ? 7.813   -3.930  4.180   1.00 34.12 ? 7    DG  A "C2'" 1 
ATOM   130 C  "C1'" . DG  A 1 7  ? 6.974   -2.995  3.335   1.00 24.10 ? 7    DG  A "C1'" 1 
ATOM   131 N  N9    . DG  A 1 7  ? 7.102   -1.578  3.642   1.00 23.00 ? 7    DG  A N9    1 
ATOM   132 C  C8    . DG  A 1 7  ? 7.558   -1.010  4.815   1.00 29.69 ? 7    DG  A C8    1 
ATOM   133 N  N7    . DG  A 1 7  ? 7.542   0.295   4.777   1.00 24.90 ? 7    DG  A N7    1 
ATOM   134 C  C5    . DG  A 1 7  ? 7.036   0.606   3.528   1.00 25.50 ? 7    DG  A C5    1 
ATOM   135 C  C6    . DG  A 1 7  ? 6.787   1.855   2.914   1.00 26.70 ? 7    DG  A C6    1 
ATOM   136 O  O6    . DG  A 1 7  ? 6.958   3.000   3.351   1.00 44.58 ? 7    DG  A O6    1 
ATOM   137 N  N1    . DG  A 1 7  ? 6.268   1.705   1.639   1.00 26.25 ? 7    DG  A N1    1 
ATOM   138 C  C2    . DG  A 1 7  ? 6.026   0.499   1.028   1.00 27.40 ? 7    DG  A C2    1 
ATOM   139 N  N2    . DG  A 1 7  ? 5.516   0.519   -0.213  1.00 32.00 ? 7    DG  A N2    1 
ATOM   140 N  N3    . DG  A 1 7  ? 6.262   -0.678  1.573   1.00 25.40 ? 7    DG  A N3    1 
ATOM   141 C  C4    . DG  A 1 7  ? 6.766   -0.545  2.820   1.00 24.96 ? 7    DG  A C4    1 
ATOM   142 P  P     . DA  A 1 8  ? 7.904   -7.365  3.020   1.00 46.01 ? 8    DA  A P     1 
ATOM   143 O  OP1   . DA  A 1 8  ? 7.227   -8.175  4.063   1.00 61.58 ? 8    DA  A OP1   1 
ATOM   144 O  OP2   . DA  A 1 8  ? 9.364   -7.150  3.134   1.00 42.62 ? 8    DA  A OP2   1 
ATOM   145 O  "O5'" . DA  A 1 8  ? 7.594   -7.969  1.587   1.00 42.47 ? 8    DA  A "O5'" 1 
ATOM   146 C  "C5'" . DA  A 1 8  ? 6.268   -8.465  1.284   1.00 36.17 ? 8    DA  A "C5'" 1 
ATOM   147 C  "C4'" . DA  A 1 8  ? 6.214   -8.627  -0.231  1.00 31.57 ? 8    DA  A "C4'" 1 
ATOM   148 O  "O4'" . DA  A 1 8  ? 6.351   -7.290  -0.761  1.00 33.95 ? 8    DA  A "O4'" 1 
ATOM   149 C  "C3'" . DA  A 1 8  ? 7.424   -9.413  -0.750  1.00 35.66 ? 8    DA  A "C3'" 1 
ATOM   150 O  "O3'" . DA  A 1 8  ? 6.987   -10.349 -1.732  1.00 37.48 ? 8    DA  A "O3'" 1 
ATOM   151 C  "C2'" . DA  A 1 8  ? 8.329   -8.363  -1.348  1.00 37.09 ? 8    DA  A "C2'" 1 
ATOM   152 C  "C1'" . DA  A 1 8  ? 7.377   -7.257  -1.748  1.00 35.02 ? 8    DA  A "C1'" 1 
ATOM   153 N  N9    . DA  A 1 8  ? 7.903   -5.890  -1.725  1.00 31.53 ? 8    DA  A N9    1 
ATOM   154 C  C8    . DA  A 1 8  ? 8.090   -5.122  -0.604  1.00 28.50 ? 8    DA  A C8    1 
ATOM   155 N  N7    . DA  A 1 8  ? 8.567   -3.928  -0.882  1.00 32.98 ? 8    DA  A N7    1 
ATOM   156 C  C5    . DA  A 1 8  ? 8.696   -3.898  -2.257  1.00 25.89 ? 8    DA  A C5    1 
ATOM   157 C  C6    . DA  A 1 8  ? 9.133   -2.901  -3.151  1.00 27.00 ? 8    DA  A C6    1 
ATOM   158 N  N6    . DA  A 1 8  ? 9.580   -1.694  -2.771  1.00 29.24 ? 8    DA  A N6    1 
ATOM   159 N  N1    . DA  A 1 8  ? 9.144   -3.195  -4.477  1.00 31.16 ? 8    DA  A N1    1 
ATOM   160 C  C2    . DA  A 1 8  ? 8.710   -4.415  -4.827  1.00 30.84 ? 8    DA  A C2    1 
ATOM   161 N  N3    . DA  A 1 8  ? 8.265   -5.429  -4.082  1.00 27.92 ? 8    DA  A N3    1 
ATOM   162 C  C4    . DA  A 1 8  ? 8.283   -5.108  -2.782  1.00 26.99 ? 8    DA  A C4    1 
ATOM   163 P  P     . DG  A 1 9  ? 7.965   -11.530 -2.233  1.00 48.27 ? 9    DG  A P     1 
ATOM   164 O  OP1   . DG  A 1 9  ? 7.183   -12.421 -3.126  1.00 47.64 ? 9    DG  A OP1   1 
ATOM   165 O  OP2   . DG  A 1 9  ? 8.633   -12.086 -1.032  1.00 43.31 ? 9    DG  A OP2   1 
ATOM   166 O  "O5'" . DG  A 1 9  ? 9.041   -10.793 -3.143  1.00 38.10 ? 9    DG  A "O5'" 1 
ATOM   167 C  "C5'" . DG  A 1 9  ? 8.664   -10.096 -4.341  1.00 32.08 ? 9    DG  A "C5'" 1 
ATOM   168 C  "C4'" . DG  A 1 9  ? 9.834   -9.440  -5.002  1.00 46.13 ? 9    DG  A "C4'" 1 
ATOM   169 O  "O4'" . DG  A 1 9  ? 10.262  -8.223  -4.364  1.00 47.40 ? 9    DG  A "O4'" 1 
ATOM   170 C  "C3'" . DG  A 1 9  ? 11.111  -10.282 -5.128  1.00 49.87 ? 9    DG  A "C3'" 1 
ATOM   171 O  "O3'" . DG  A 1 9  ? 11.781  -9.770  -6.305  1.00 45.54 ? 9    DG  A "O3'" 1 
ATOM   172 C  "C2'" . DG  A 1 9  ? 11.935  -9.795  -3.939  1.00 45.12 ? 9    DG  A "C2'" 1 
ATOM   173 C  "C1'" . DG  A 1 9  ? 11.655  -8.299  -4.036  1.00 43.79 ? 9    DG  A "C1'" 1 
ATOM   174 N  N9    . DG  A 1 9  ? 11.782  -7.582  -2.769  1.00 36.62 ? 9    DG  A N9    1 
ATOM   175 C  C8    . DG  A 1 9  ? 11.768  -8.082  -1.500  1.00 34.22 ? 9    DG  A C8    1 
ATOM   176 N  N7    . DG  A 1 9  ? 11.915  -7.160  -0.585  1.00 42.78 ? 9    DG  A N7    1 
ATOM   177 C  C5    . DG  A 1 9  ? 12.039  -5.986  -1.322  1.00 23.54 ? 9    DG  A C5    1 
ATOM   178 C  C6    . DG  A 1 9  ? 12.206  -4.654  -0.859  1.00 29.08 ? 9    DG  A C6    1 
ATOM   179 O  O6    . DG  A 1 9  ? 12.287  -4.295  0.318   1.00 28.88 ? 9    DG  A O6    1 
ATOM   180 N  N1    . DG  A 1 9  ? 12.280  -3.776  -1.932  1.00 33.08 ? 9    DG  A N1    1 
ATOM   181 C  C2    . DG  A 1 9  ? 12.193  -4.118  -3.261  1.00 34.39 ? 9    DG  A C2    1 
ATOM   182 N  N2    . DG  A 1 9  ? 12.286  -3.132  -4.154  1.00 32.95 ? 9    DG  A N2    1 
ATOM   183 N  N3    . DG  A 1 9  ? 12.037  -5.365  -3.706  1.00 31.36 ? 9    DG  A N3    1 
ATOM   184 C  C4    . DG  A 1 9  ? 11.948  -6.219  -2.663  1.00 26.86 ? 9    DG  A C4    1 
ATOM   185 P  P     . DG  A 1 10 ? 12.620  -10.823 -7.180  1.00 60.13 ? 10   DG  A P     1 
ATOM   186 O  OP1   . DG  A 1 10 ? 11.629  -11.650 -7.911  1.00 73.82 ? 10   DG  A OP1   1 
ATOM   187 O  OP2   . DG  A 1 10 ? 13.628  -11.464 -6.301  1.00 58.56 ? 10   DG  A OP2   1 
ATOM   188 O  "O5'" . DG  A 1 10 ? 13.357  -9.907  -8.253  1.00 46.19 ? 10   DG  A "O5'" 1 
ATOM   189 C  "C5'" . DG  A 1 10 ? 12.976  -8.549  -8.515  1.00 48.47 ? 10   DG  A "C5'" 1 
ATOM   190 C  "C4'" . DG  A 1 10 ? 14.199  -7.674  -8.336  1.00 51.18 ? 10   DG  A "C4'" 1 
ATOM   191 O  "O4'" . DG  A 1 10 ? 14.129  -6.942  -7.091  1.00 49.75 ? 10   DG  A "O4'" 1 
ATOM   192 C  "C3'" . DG  A 1 10 ? 15.499  -8.483  -8.243  1.00 45.37 ? 10   DG  A "C3'" 1 
ATOM   193 O  "O3'" . DG  A 1 10 ? 16.067  -8.570  -9.559  1.00 60.87 ? 10   DG  A "O3'" 1 
ATOM   194 C  "C2'" . DG  A 1 10 ? 16.377  -7.658  -7.335  1.00 42.74 ? 10   DG  A "C2'" 1 
ATOM   195 C  "C1'" . DG  A 1 10 ? 15.441  -6.710  -6.616  1.00 42.28 ? 10   DG  A "C1'" 1 
ATOM   196 N  N9    . DG  A 1 10 ? 15.419  -6.774  -5.164  1.00 32.14 ? 10   DG  A N9    1 
ATOM   197 C  C8    . DG  A 1 10 ? 15.289  -7.847  -4.327  1.00 24.06 ? 10   DG  A C8    1 
ATOM   198 N  N7    . DG  A 1 10 ? 15.333  -7.548  -3.059  1.00 34.58 ? 10   DG  A N7    1 
ATOM   199 C  C5    . DG  A 1 10 ? 15.498  -6.167  -3.062  1.00 31.75 ? 10   DG  A C5    1 
ATOM   200 C  C6    . DG  A 1 10 ? 15.607  -5.246  -1.989  1.00 31.40 ? 10   DG  A C6    1 
ATOM   201 O  O6    . DG  A 1 10 ? 15.567  -5.484  -0.784  1.00 32.51 ? 10   DG  A O6    1 
ATOM   202 N  N1    . DG  A 1 10 ? 15.775  -3.952  -2.468  1.00 31.01 ? 10   DG  A N1    1 
ATOM   203 C  C2    . DG  A 1 10 ? 15.828  -3.572  -3.779  1.00 31.72 ? 10   DG  A C2    1 
ATOM   204 N  N2    . DG  A 1 10 ? 16.002  -2.269  -4.052  1.00 36.15 ? 10   DG  A N2    1 
ATOM   205 N  N3    . DG  A 1 10 ? 15.716  -4.414  -4.794  1.00 37.11 ? 10   DG  A N3    1 
ATOM   206 C  C4    . DG  A 1 10 ? 15.558  -5.675  -4.338  1.00 31.58 ? 10   DG  A C4    1 
ATOM   207 O  "O5'" . DC  B 1 1  ? 17.675  3.852   3.747   1.00 50.27 ? 11   DC  B "O5'" 1 
ATOM   208 C  "C5'" . DC  B 1 1  ? 17.146  2.803   2.924   1.00 26.18 ? 11   DC  B "C5'" 1 
ATOM   209 C  "C4'" . DC  B 1 1  ? 17.520  3.032   1.475   1.00 36.22 ? 11   DC  B "C4'" 1 
ATOM   210 O  "O4'" . DC  B 1 1  ? 18.252  1.887   0.981   1.00 35.69 ? 11   DC  B "O4'" 1 
ATOM   211 C  "C3'" . DC  B 1 1  ? 16.403  3.331   0.488   1.00 39.24 ? 11   DC  B "C3'" 1 
ATOM   212 O  "O3'" . DC  B 1 1  ? 16.571  4.656   -0.063  1.00 51.73 ? 11   DC  B "O3'" 1 
ATOM   213 C  "C2'" . DC  B 1 1  ? 16.596  2.373   -0.664  1.00 37.66 ? 11   DC  B "C2'" 1 
ATOM   214 C  "C1'" . DC  B 1 1  ? 17.591  1.368   -0.158  1.00 41.42 ? 11   DC  B "C1'" 1 
ATOM   215 N  N1    . DC  B 1 1  ? 17.056  0.064   0.259   1.00 30.88 ? 11   DC  B N1    1 
ATOM   216 C  C2    . DC  B 1 1  ? 16.678  -0.820  -0.740  1.00 25.81 ? 11   DC  B C2    1 
ATOM   217 O  O2    . DC  B 1 1  ? 16.836  -0.495  -1.937  1.00 32.19 ? 11   DC  B O2    1 
ATOM   218 N  N3    . DC  B 1 1  ? 16.208  -2.028  -0.366  1.00 32.95 ? 11   DC  B N3    1 
ATOM   219 C  C4    . DC  B 1 1  ? 16.076  -2.341  0.923   1.00 39.14 ? 11   DC  B C4    1 
ATOM   220 N  N4    . DC  B 1 1  ? 15.612  -3.557  1.227   1.00 43.68 ? 11   DC  B N4    1 
ATOM   221 C  C5    . DC  B 1 1  ? 16.467  -1.445  1.969   1.00 36.02 ? 11   DC  B C5    1 
ATOM   222 C  C6    . DC  B 1 1  ? 16.917  -0.232  1.591   1.00 32.00 ? 11   DC  B C6    1 
ATOM   223 P  P     . DC  B 1 2  ? 15.287  5.605   -0.253  1.00 63.27 ? 12   DC  B P     1 
ATOM   224 O  OP1   . DC  B 1 2  ? 15.769  6.968   -0.587  1.00 77.45 ? 12   DC  B OP1   1 
ATOM   225 O  OP2   . DC  B 1 2  ? 14.415  5.384   0.934   1.00 70.57 ? 12   DC  B OP2   1 
ATOM   226 O  "O5'" . DC  B 1 2  ? 14.498  5.015   -1.495  1.00 54.71 ? 12   DC  B "O5'" 1 
ATOM   227 C  "C5'" . DC  B 1 2  ? 15.116  4.730   -2.755  1.00 51.37 ? 12   DC  B "C5'" 1 
ATOM   228 C  "C4'" . DC  B 1 2  ? 14.136  3.993   -3.646  1.00 43.47 ? 12   DC  B "C4'" 1 
ATOM   229 O  "O4'" . DC  B 1 2  ? 14.106  2.614   -3.211  1.00 33.30 ? 12   DC  B "O4'" 1 
ATOM   230 C  "C3'" . DC  B 1 2  ? 12.687  4.487   -3.556  1.00 38.72 ? 12   DC  B "C3'" 1 
ATOM   231 O  "O3'" . DC  B 1 2  ? 12.081  4.339   -4.839  1.00 41.79 ? 12   DC  B "O3'" 1 
ATOM   232 C  "C2'" . DC  B 1 2  ? 12.033  3.517   -2.580  1.00 31.34 ? 12   DC  B "C2'" 1 
ATOM   233 C  "C1'" . DC  B 1 2  ? 12.797  2.238   -2.847  1.00 33.09 ? 12   DC  B "C1'" 1 
ATOM   234 N  N1    . DC  B 1 2  ? 12.863  1.263   -1.755  1.00 30.86 ? 12   DC  B N1    1 
ATOM   235 C  C2    . DC  B 1 2  ? 12.622  -0.071  -2.098  1.00 32.59 ? 12   DC  B C2    1 
ATOM   236 O  O2    . DC  B 1 2  ? 12.384  -0.276  -3.301  1.00 31.44 ? 12   DC  B O2    1 
ATOM   237 N  N3    . DC  B 1 2  ? 12.702  -1.012  -1.134  1.00 27.29 ? 12   DC  B N3    1 
ATOM   238 C  C4    . DC  B 1 2  ? 12.942  -0.639  0.127   1.00 22.80 ? 12   DC  B C4    1 
ATOM   239 N  N4    . DC  B 1 2  ? 12.970  -1.530  1.106   1.00 26.21 ? 12   DC  B N4    1 
ATOM   240 C  C5    . DC  B 1 2  ? 13.222  0.718   0.506   1.00 28.39 ? 12   DC  B C5    1 
ATOM   241 C  C6    . DC  B 1 2  ? 13.140  1.631   -0.474  1.00 30.37 ? 12   DC  B C6    1 
ATOM   242 P  P     . DG  B 1 3  ? 10.658  5.008   -5.192  1.00 45.64 ? 13   DG  B P     1 
ATOM   243 O  OP1   . DG  B 1 3  ? 10.637  5.295   -6.645  1.00 61.20 ? 13   DG  B OP1   1 
ATOM   244 O  OP2   . DG  B 1 3  ? 10.444  6.115   -4.224  1.00 50.46 ? 13   DG  B OP2   1 
ATOM   245 O  "O5'" . DG  B 1 3  ? 9.623   3.856   -4.855  1.00 41.18 ? 13   DG  B "O5'" 1 
ATOM   246 C  "C5'" . DG  B 1 3  ? 9.745   2.534   -5.381  1.00 37.65 ? 13   DG  B "C5'" 1 
ATOM   247 C  "C4'" . DG  B 1 3  ? 8.876   1.556   -4.633  1.00 29.77 ? 13   DG  B "C4'" 1 
ATOM   248 O  "O4'" . DG  B 1 3  ? 9.399   1.315   -3.299  1.00 31.33 ? 13   DG  B "O4'" 1 
ATOM   249 C  "C3'" . DG  B 1 3  ? 7.426   2.024   -4.447  1.00 35.01 ? 13   DG  B "C3'" 1 
ATOM   250 O  "O3'" . DG  B 1 3  ? 6.561   0.914   -4.755  1.00 34.49 ? 13   DG  B "O3'" 1 
ATOM   251 C  "C2'" . DG  B 1 3  ? 7.312   2.297   -2.962  1.00 30.43 ? 13   DG  B "C2'" 1 
ATOM   252 C  "C1'" . DG  B 1 3  ? 8.347   1.349   -2.359  1.00 26.36 ? 13   DG  B "C1'" 1 
ATOM   253 N  N9    . DG  B 1 3  ? 8.836   1.799   -1.067  1.00 30.02 ? 13   DG  B N9    1 
ATOM   254 C  C8    . DG  B 1 3  ? 9.013   3.084   -0.604  1.00 32.26 ? 13   DG  B C8    1 
ATOM   255 N  N7    . DG  B 1 3  ? 9.463   3.134   0.621   1.00 31.11 ? 13   DG  B N7    1 
ATOM   256 C  C5    . DG  B 1 3  ? 9.582   1.805   0.996   1.00 25.63 ? 13   DG  B C5    1 
ATOM   257 C  C6    . DG  B 1 3  ? 10.029  1.258   2.225   1.00 29.05 ? 13   DG  B C6    1 
ATOM   258 O  O6    . DG  B 1 3  ? 10.413  1.890   3.237   1.00 29.05 ? 13   DG  B O6    1 
ATOM   259 N  N1    . DG  B 1 3  ? 10.006  -0.120  2.169   1.00 25.02 ? 13   DG  B N1    1 
ATOM   260 C  C2    . DG  B 1 3  ? 9.604   -0.879  1.096   1.00 19.20 ? 13   DG  B C2    1 
ATOM   261 N  N2    . DG  B 1 3  ? 9.653   -2.201  1.261   1.00 23.22 ? 13   DG  B N2    1 
ATOM   262 N  N3    . DG  B 1 3  ? 9.188   -0.382  -0.071  1.00 24.29 ? 13   DG  B N3    1 
ATOM   263 C  C4    . DG  B 1 3  ? 9.212   0.968   -0.029  1.00 29.62 ? 13   DG  B C4    1 
ATOM   264 P  P     . DA  B 1 4  ? 5.405   1.192   -5.846  1.00 55.17 ? 14   DA  B P     1 
ATOM   265 O  OP1   . DA  B 1 4  ? 5.998   2.041   -6.910  1.00 60.47 ? 14   DA  B OP1   1 
ATOM   266 O  OP2   . DA  B 1 4  ? 4.210   1.656   -5.111  1.00 70.48 ? 14   DA  B OP2   1 
ATOM   267 O  "O5'" . DA  B 1 4  ? 5.098   -0.256  -6.415  1.00 49.54 ? 14   DA  B "O5'" 1 
ATOM   268 C  "C5'" . DA  B 1 4  ? 5.994   -0.946  -7.298  1.00 39.11 ? 14   DA  B "C5'" 1 
ATOM   269 C  "C4'" . DA  B 1 4  ? 5.826   -2.448  -7.092  1.00 32.07 ? 14   DA  B "C4'" 1 
ATOM   270 O  "O4'" . DA  B 1 4  ? 6.261   -2.758  -5.753  1.00 33.93 ? 14   DA  B "O4'" 1 
ATOM   271 C  "C3'" . DA  B 1 4  ? 4.341   -2.844  -7.150  1.00 41.08 ? 14   DA  B "C3'" 1 
ATOM   272 O  "O3'" . DA  B 1 4  ? 4.168   -4.066  -7.888  1.00 43.66 ? 14   DA  B "O3'" 1 
ATOM   273 C  "C2'" . DA  B 1 4  ? 3.969   -3.096  -5.708  1.00 29.82 ? 14   DA  B "C2'" 1 
ATOM   274 C  "C1'" . DA  B 1 4  ? 5.296   -3.543  -5.088  1.00 32.92 ? 14   DA  B "C1'" 1 
ATOM   275 N  N9    . DA  B 1 4  ? 5.256   -3.189  -3.655  1.00 27.55 ? 14   DA  B N9    1 
ATOM   276 C  C8    . DA  B 1 4  ? 5.621   -2.031  -3.047  1.00 30.44 ? 14   DA  B C8    1 
ATOM   277 N  N7    . DA  B 1 4  ? 5.427   -2.057  -1.742  1.00 25.88 ? 14   DA  B N7    1 
ATOM   278 C  C5    . DA  B 1 4  ? 4.906   -3.298  -1.477  1.00 22.98 ? 14   DA  B C5    1 
ATOM   279 C  C6    . DA  B 1 4  ? 4.475   -3.929  -0.311  1.00 21.47 ? 14   DA  B C6    1 
ATOM   280 N  N6    . DA  B 1 4  ? 4.539   -3.352  0.905   1.00 26.54 ? 14   DA  B N6    1 
ATOM   281 N  N1    . DA  B 1 4  ? 3.992   -5.184  -0.375  1.00 30.00 ? 14   DA  B N1    1 
ATOM   282 C  C2    . DA  B 1 4  ? 3.938   -5.742  -1.597  1.00 41.88 ? 14   DA  B C2    1 
ATOM   283 N  N3    . DA  B 1 4  ? 4.294   -5.250  -2.777  1.00 34.69 ? 14   DA  B N3    1 
ATOM   284 C  C4    . DA  B 1 4  ? 4.783   -4.012  -2.666  1.00 26.70 ? 14   DA  B C4    1 
ATOM   285 P  P     . DA  B 1 5  ? 2.826   -4.306  -8.733  1.00 41.97 ? 15   DA  B P     1 
ATOM   286 O  OP1   . DA  B 1 5  ? 3.093   -5.294  -9.799  1.00 45.79 ? 15   DA  B OP1   1 
ATOM   287 O  OP2   . DA  B 1 5  ? 2.243   -2.988  -9.104  1.00 40.40 ? 15   DA  B OP2   1 
ATOM   288 O  "O5'" . DA  B 1 5  ? 1.814   -4.930  -7.682  1.00 30.17 ? 15   DA  B "O5'" 1 
ATOM   289 C  "C5'" . DA  B 1 5  ? 2.099   -6.206  -7.065  1.00 32.02 ? 15   DA  B "C5'" 1 
ATOM   290 C  "C4'" . DA  B 1 5  ? 1.190   -6.408  -5.887  1.00 34.83 ? 15   DA  B "C4'" 1 
ATOM   291 O  "O4'" . DA  B 1 5  ? 1.407   -5.501  -4.800  1.00 41.68 ? 15   DA  B "O4'" 1 
ATOM   292 C  "C3'" . DA  B 1 5  ? -0.295  -6.332  -6.216  1.00 34.44 ? 15   DA  B "C3'" 1 
ATOM   293 O  "O3'" . DA  B 1 5  ? -0.854  -7.578  -5.788  1.00 35.12 ? 15   DA  B "O3'" 1 
ATOM   294 C  "C2'" . DA  B 1 5  ? -0.850  -5.191  -5.405  1.00 36.62 ? 15   DA  B "C2'" 1 
ATOM   295 C  "C1'" . DA  B 1 5  ? 0.161   -4.942  -4.327  1.00 38.17 ? 15   DA  B "C1'" 1 
ATOM   296 N  N9    . DA  B 1 5  ? 0.574   -3.580  -4.015  1.00 26.85 ? 15   DA  B N9    1 
ATOM   297 C  C8    . DA  B 1 5  ? 0.761   -2.536  -4.869  1.00 22.92 ? 15   DA  B C8    1 
ATOM   298 N  N7    . DA  B 1 5  ? 1.174   -1.438  -4.305  1.00 29.20 ? 15   DA  B N7    1 
ATOM   299 C  C5    . DA  B 1 5  ? 1.287   -1.795  -2.977  1.00 27.19 ? 15   DA  B C5    1 
ATOM   300 C  C6    . DA  B 1 5  ? 1.683   -1.036  -1.847  1.00 21.75 ? 15   DA  B C6    1 
ATOM   301 N  N6    . DA  B 1 5  ? 2.028   0.248   -1.940  1.00 24.79 ? 15   DA  B N6    1 
ATOM   302 N  N1    . DA  B 1 5  ? 1.647   -1.704  -0.700  1.00 22.95 ? 15   DA  B N1    1 
ATOM   303 C  C2    . DA  B 1 5  ? 1.286   -2.983  -0.630  1.00 30.84 ? 15   DA  B C2    1 
ATOM   304 N  N3    . DA  B 1 5  ? 0.894   -3.792  -1.620  1.00 28.56 ? 15   DA  B N3    1 
ATOM   305 C  C4    . DA  B 1 5  ? 0.926   -3.104  -2.767  1.00 23.63 ? 15   DA  B C4    1 
HETATM 306 N  N1    . BRU B 1 6  ? -2.877  -3.569  -1.804  1.00 31.24 ? 16   BRU B N1    1 
HETATM 307 C  C2    . BRU B 1 6  ? -2.441  -2.748  -0.788  1.00 31.22 ? 16   BRU B C2    1 
HETATM 308 N  N3    . BRU B 1 6  ? -2.011  -1.508  -1.174  1.00 24.41 ? 16   BRU B N3    1 
HETATM 309 C  C4    . BRU B 1 6  ? -1.946  -1.006  -2.446  1.00 25.69 ? 16   BRU B C4    1 
HETATM 310 C  C5    . BRU B 1 6  ? -2.423  -1.928  -3.470  1.00 20.47 ? 16   BRU B C5    1 
HETATM 311 C  C6    . BRU B 1 6  ? -2.935  -3.095  -3.095  1.00 21.49 ? 16   BRU B C6    1 
HETATM 312 O  O2    . BRU B 1 6  ? -2.385  -3.146  0.355   1.00 30.78 ? 16   BRU B O2    1 
HETATM 313 O  O4    . BRU B 1 6  ? -1.610  0.149   -2.674  1.00 28.21 ? 16   BRU B O4    1 
HETATM 314 BR BR    . BRU B 1 6  ? -2.424  -1.362  -5.249  1.00 35.18 ? 16   BRU B BR    1 
HETATM 315 C  "C1'" . BRU B 1 6  ? -3.338  -4.907  -1.440  1.00 28.63 ? 16   BRU B "C1'" 1 
HETATM 316 C  "C2'" . BRU B 1 6  ? -4.606  -5.435  -2.086  1.00 30.44 ? 16   BRU B "C2'" 1 
HETATM 317 C  "C3'" . BRU B 1 6  ? -4.409  -6.933  -1.885  1.00 33.65 ? 16   BRU B "C3'" 1 
HETATM 318 C  "C4'" . BRU B 1 6  ? -2.888  -7.110  -1.988  1.00 36.27 ? 16   BRU B "C4'" 1 
HETATM 319 O  "O3'" . BRU B 1 6  ? -4.740  -7.274  -0.531  1.00 30.22 ? 16   BRU B "O3'" 1 
HETATM 320 O  "O4'" . BRU B 1 6  ? -2.328  -5.784  -1.974  1.00 34.10 ? 16   BRU B "O4'" 1 
HETATM 321 C  "C5'" . BRU B 1 6  ? -2.392  -7.911  -3.164  1.00 39.18 ? 16   BRU B "C5'" 1 
HETATM 322 O  "O5'" . BRU B 1 6  ? -2.929  -7.336  -4.366  1.00 39.91 ? 16   BRU B "O5'" 1 
HETATM 323 P  P     . BRU B 1 6  ? -2.438  -7.780  -5.829  1.00 46.49 ? 16   BRU B P     1 
HETATM 324 O  OP1   . BRU B 1 6  ? -2.740  -9.223  -5.970  1.00 48.15 ? 16   BRU B OP1   1 
HETATM 325 O  OP2   . BRU B 1 6  ? -2.991  -6.751  -6.744  1.00 44.00 ? 16   BRU B OP2   1 
ATOM   326 P  P     . DG  B 1 7  ? -6.262  -7.385  -0.076  1.00 35.57 ? 17   DG  B P     1 
ATOM   327 O  OP1   . DG  B 1 7  ? -6.306  -8.233  1.144   1.00 44.48 ? 17   DG  B OP1   1 
ATOM   328 O  OP2   . DG  B 1 7  ? -7.137  -7.612  -1.223  1.00 32.49 ? 17   DG  B OP2   1 
ATOM   329 O  "O5'" . DG  B 1 7  ? -6.628  -5.888  0.407   1.00 35.83 ? 17   DG  B "O5'" 1 
ATOM   330 C  "C5'" . DG  B 1 7  ? -5.770  -5.264  1.381   1.00 27.65 ? 17   DG  B "C5'" 1 
ATOM   331 C  "C4'" . DG  B 1 7  ? -6.139  -3.802  1.494   1.00 22.43 ? 17   DG  B "C4'" 1 
ATOM   332 O  "O4'" . DG  B 1 7  ? -5.730  -3.052  0.328   1.00 22.35 ? 17   DG  B "O4'" 1 
ATOM   333 C  "C3'" . DG  B 1 7  ? -7.647  -3.607  1.648   1.00 25.48 ? 17   DG  B "C3'" 1 
ATOM   334 O  "O3'" . DG  B 1 7  ? -7.918  -2.579  2.618   1.00 24.44 ? 17   DG  B "O3'" 1 
ATOM   335 C  "C2'" . DG  B 1 7  ? -8.072  -3.075  0.298   1.00 22.48 ? 17   DG  B "C2'" 1 
ATOM   336 C  "C1'" . DG  B 1 7  ? -6.854  -2.309  -0.115  1.00 21.63 ? 17   DG  B "C1'" 1 
ATOM   337 N  N9    . DG  B 1 7  ? -6.714  -2.014  -1.527  1.00 20.17 ? 17   DG  B N9    1 
ATOM   338 C  C8    . DG  B 1 7  ? -7.242  -2.783  -2.544  1.00 26.67 ? 17   DG  B C8    1 
ATOM   339 N  N7    . DG  B 1 7  ? -6.960  -2.294  -3.716  1.00 26.05 ? 17   DG  B N7    1 
ATOM   340 C  C5    . DG  B 1 7  ? -6.230  -1.133  -3.467  1.00 21.58 ? 17   DG  B C5    1 
ATOM   341 C  C6    . DG  B 1 7  ? -5.655  -0.182  -4.339  1.00 24.66 ? 17   DG  B C6    1 
ATOM   342 O  O6    . DG  B 1 7  ? -5.698  -0.180  -5.576  1.00 24.14 ? 17   DG  B O6    1 
ATOM   343 N  N1    . DG  B 1 7  ? -4.985  0.868   -3.695  1.00 21.22 ? 17   DG  B N1    1 
ATOM   344 C  C2    . DG  B 1 7  ? -4.900  0.928   -2.315  1.00 19.52 ? 17   DG  B C2    1 
ATOM   345 N  N2    . DG  B 1 7  ? -4.215  1.982   -1.831  1.00 20.60 ? 17   DG  B N2    1 
ATOM   346 N  N3    . DG  B 1 7  ? -5.411  0.042   -1.493  1.00 18.89 ? 17   DG  B N3    1 
ATOM   347 C  C4    . DG  B 1 7  ? -6.080  -0.952  -2.090  1.00 21.01 ? 17   DG  B C4    1 
ATOM   348 P  P     . DA  B 1 8  ? -8.886  -3.010  3.819   1.00 26.51 ? 18   DA  B P     1 
ATOM   349 O  OP1   . DA  B 1 8  ? -8.353  -4.283  4.380   1.00 29.75 ? 18   DA  B OP1   1 
ATOM   350 O  OP2   . DA  B 1 8  ? -10.265 -2.792  3.358   1.00 26.77 ? 18   DA  B OP2   1 
ATOM   351 O  "O5'" . DA  B 1 8  ? -8.628  -1.908  4.973   1.00 21.74 ? 18   DA  B "O5'" 1 
ATOM   352 C  "C5'" . DA  B 1 8  ? -7.440  -2.080  5.765   1.00 20.30 ? 18   DA  B "C5'" 1 
ATOM   353 C  "C4'" . DA  B 1 8  ? -7.273  -0.833  6.617   1.00 21.24 ? 18   DA  B "C4'" 1 
ATOM   354 O  "O4'" . DA  B 1 8  ? -6.803  0.216   5.755   1.00 21.31 ? 18   DA  B "O4'" 1 
ATOM   355 C  "C3'" . DA  B 1 8  ? -8.556  -0.331  7.287   1.00 26.88 ? 18   DA  B "C3'" 1 
ATOM   356 O  "O3'" . DA  B 1 8  ? -8.157  0.311   8.508   1.00 27.00 ? 18   DA  B "O3'" 1 
ATOM   357 C  "C2'" . DA  B 1 8  ? -9.044  0.712   6.301   1.00 19.66 ? 18   DA  B "C2'" 1 
ATOM   358 C  "C1'" . DA  B 1 8  ? -7.737  1.295   5.792   1.00 25.93 ? 18   DA  B "C1'" 1 
ATOM   359 N  N9    . DA  B 1 8  ? -7.898  1.733   4.399   1.00 19.58 ? 18   DA  B N9    1 
ATOM   360 C  C8    . DA  B 1 8  ? -8.107  0.952   3.284   1.00 19.06 ? 18   DA  B C8    1 
ATOM   361 N  N7    . DA  B 1 8  ? -8.220  1.688   2.190   1.00 17.46 ? 18   DA  B N7    1 
ATOM   362 C  C5    . DA  B 1 8  ? -8.082  3.009   2.616   1.00 17.57 ? 18   DA  B C5    1 
ATOM   363 C  C6    . DA  B 1 8  ? -8.113  4.239   1.936   1.00 14.23 ? 18   DA  B C6    1 
ATOM   364 N  N6    . DA  B 1 8  ? -8.265  4.388   0.623   1.00 16.71 ? 18   DA  B N6    1 
ATOM   365 N  N1    . DA  B 1 8  ? -7.940  5.346   2.685   1.00 16.51 ? 18   DA  B N1    1 
ATOM   366 C  C2    . DA  B 1 8  ? -7.765  5.203   4.011   1.00 16.65 ? 18   DA  B C2    1 
ATOM   367 N  N3    . DA  B 1 8  ? -7.706  4.114   4.783   1.00 21.28 ? 18   DA  B N3    1 
ATOM   368 C  C4    . DA  B 1 8  ? -7.886  3.038   3.985   1.00 16.32 ? 18   DA  B C4    1 
ATOM   369 P  P     . DG  B 1 9  ? -9.217  0.546   9.674   1.00 29.92 ? 19   DG  B P     1 
ATOM   370 O  OP1   . DG  B 1 9  ? -8.452  0.920   10.891  1.00 36.51 ? 19   DG  B OP1   1 
ATOM   371 O  OP2   . DG  B 1 9  ? -10.237 -0.491  9.603   1.00 25.51 ? 19   DG  B OP2   1 
ATOM   372 O  "O5'" . DG  B 1 9  ? -9.995  1.884   9.226   1.00 25.07 ? 19   DG  B "O5'" 1 
ATOM   373 C  "C5'" . DG  B 1 9  ? -9.287  3.125   9.165   1.00 26.83 ? 19   DG  B "C5'" 1 
ATOM   374 C  "C4'" . DG  B 1 9  ? -10.177 4.155   8.497   1.00 27.24 ? 19   DG  B "C4'" 1 
ATOM   375 O  "O4'" . DG  B 1 9  ? -10.366 3.755   7.109   1.00 22.86 ? 19   DG  B "O4'" 1 
ATOM   376 C  "C3'" . DG  B 1 9  ? -11.586 4.193   9.113   1.00 27.42 ? 19   DG  B "C3'" 1 
ATOM   377 O  "O3'" . DG  B 1 9  ? -12.003 5.580   9.060   1.00 24.83 ? 19   DG  B "O3'" 1 
ATOM   378 C  "C2'" . DG  B 1 9  ? -12.440 3.428   8.101   1.00 23.08 ? 19   DG  B "C2'" 1 
ATOM   379 C  "C1'" . DG  B 1 9  ? -11.768 3.858   6.818   1.00 23.61 ? 19   DG  B "C1'" 1 
ATOM   380 N  N9    . DG  B 1 9  ? -11.966 2.923   5.700   1.00 20.85 ? 19   DG  B N9    1 
ATOM   381 C  C8    . DG  B 1 9  ? -12.262 1.575   5.739   1.00 18.66 ? 19   DG  B C8    1 
ATOM   382 N  N7    . DG  B 1 9  ? -12.342 1.080   4.527   1.00 18.43 ? 19   DG  B N7    1 
ATOM   383 C  C5    . DG  B 1 9  ? -12.054 2.140   3.670   1.00 18.79 ? 19   DG  B C5    1 
ATOM   384 C  C6    . DG  B 1 9  ? -11.991 2.223   2.253   1.00 18.45 ? 19   DG  B C6    1 
ATOM   385 O  O6    . DG  B 1 9  ? -12.165 1.291   1.453   1.00 20.01 ? 19   DG  B O6    1 
ATOM   386 N  N1    . DG  B 1 9  ? -11.679 3.477   1.745   1.00 16.78 ? 19   DG  B N1    1 
ATOM   387 C  C2    . DG  B 1 9  ? -11.454 4.569   2.555   1.00 16.45 ? 19   DG  B C2    1 
ATOM   388 N  N2    . DG  B 1 9  ? -11.176 5.742   2.011   1.00 17.59 ? 19   DG  B N2    1 
ATOM   389 N  N3    . DG  B 1 9  ? -11.505 4.500   3.885   1.00 19.21 ? 19   DG  B N3    1 
ATOM   390 C  C4    . DG  B 1 9  ? -11.801 3.293   4.385   1.00 19.56 ? 19   DG  B C4    1 
ATOM   391 P  P     . DG  B 1 10 ? -11.749 6.455   10.417  1.00 27.90 ? 20   DG  B P     1 
ATOM   392 O  OP1   . DG  B 1 10 ? -10.331 6.277   10.745  1.00 25.54 ? 20   DG  B OP1   1 
ATOM   393 O  OP2   . DG  B 1 10 ? -12.825 6.145   11.360  1.00 29.89 ? 20   DG  B OP2   1 
ATOM   394 O  "O5'" . DG  B 1 10 ? -11.993 7.925   9.869   1.00 27.20 ? 20   DG  B "O5'" 1 
ATOM   395 C  "C5'" . DG  B 1 10 ? -11.144 8.504   8.867   1.00 26.35 ? 20   DG  B "C5'" 1 
ATOM   396 C  "C4'" . DG  B 1 10 ? -11.949 9.219   7.829   1.00 29.81 ? 20   DG  B "C4'" 1 
ATOM   397 O  "O4'" . DG  B 1 10 ? -12.389 8.351   6.775   1.00 29.39 ? 20   DG  B "O4'" 1 
ATOM   398 C  "C3'" . DG  B 1 10 ? -13.188 9.975   8.300   1.00 35.61 ? 20   DG  B "C3'" 1 
ATOM   399 O  "O3'" . DG  B 1 10 ? -13.221 11.223  7.587   1.00 45.00 ? 20   DG  B "O3'" 1 
ATOM   400 C  "C2'" . DG  B 1 10 ? -14.322 9.089   7.788   1.00 27.47 ? 20   DG  B "C2'" 1 
ATOM   401 C  "C1'" . DG  B 1 10 ? -13.774 8.644   6.434   1.00 25.19 ? 20   DG  B "C1'" 1 
ATOM   402 N  N9    . DG  B 1 10 ? -14.213 7.327   5.944   1.00 25.56 ? 20   DG  B N9    1 
ATOM   403 C  C8    . DG  B 1 10 ? -14.536 6.264   6.748   1.00 31.84 ? 20   DG  B C8    1 
ATOM   404 N  N7    . DG  B 1 10 ? -14.868 5.192   6.093   1.00 28.17 ? 20   DG  B N7    1 
ATOM   405 C  C5    . DG  B 1 10 ? -14.756 5.561   4.763   1.00 29.53 ? 20   DG  B C5    1 
ATOM   406 C  C6    . DG  B 1 10 ? -14.991 4.817   3.583   1.00 30.68 ? 20   DG  B C6    1 
ATOM   407 O  O6    . DG  B 1 10 ? -15.347 3.639   3.499   1.00 27.78 ? 20   DG  B O6    1 
ATOM   408 N  N1    . DG  B 1 10 ? -14.767 5.540   2.412   1.00 30.40 ? 20   DG  B N1    1 
ATOM   409 C  C2    . DG  B 1 10 ? -14.350 6.853   2.423   1.00 34.28 ? 20   DG  B C2    1 
ATOM   410 N  N2    . DG  B 1 10 ? -14.161 7.447   1.237   1.00 34.40 ? 20   DG  B N2    1 
ATOM   411 N  N3    . DG  B 1 10 ? -14.131 7.548   3.519   1.00 28.01 ? 20   DG  B N3    1 
ATOM   412 C  C4    . DG  B 1 10 ? -14.342 6.879   4.657   1.00 24.98 ? 20   DG  B C4    1 
HETATM 413 CO CO    . NCO C 2 .  ? -8.317  0.906   -8.715  0.50 23.83 ? 21   NCO A CO    1 
HETATM 414 N  N1    . NCO C 2 .  ? -6.887  2.041   -7.857  0.50 34.37 ? 21   NCO A N1    1 
HETATM 415 N  N2    . NCO C 2 .  ? -8.482  2.271   -10.157 0.50 25.23 ? 21   NCO A N2    1 
HETATM 416 N  N3    . NCO C 2 .  ? -9.707  1.858   -7.615  0.50 26.77 ? 21   NCO A N3    1 
HETATM 417 N  N4    . NCO C 2 .  ? -6.919  -0.015  -9.843  0.50 34.37 ? 21   NCO A N4    1 
HETATM 418 N  N5    . NCO C 2 .  ? -7.999  -0.451  -7.288  0.50 25.23 ? 21   NCO A N5    1 
HETATM 419 N  N6    . NCO C 2 .  ? -9.729  -0.263  -9.547  0.50 26.77 ? 21   NCO A N6    1 
HETATM 420 O  O     . HOH D 3 .  ? -10.767 -1.843  -2.359  1.00 30.38 ? 1004 HOH A O     1 
HETATM 421 O  O     . HOH D 3 .  ? -3.860  7.425   -10.413 1.00 43.77 ? 1005 HOH A O     1 
HETATM 422 O  O     . HOH D 3 .  ? -3.534  -2.893  4.098   1.00 33.53 ? 1008 HOH A O     1 
HETATM 423 O  O     . HOH D 3 .  ? 11.001  -5.938  -7.140  1.00 49.36 ? 1009 HOH A O     1 
HETATM 424 O  O     . HOH D 3 .  ? -4.734  10.222  -0.785  1.00 47.32 ? 1011 HOH A O     1 
HETATM 425 O  O     . HOH D 3 .  ? 6.762   2.098   6.854   1.00 32.37 ? 1012 HOH A O     1 
HETATM 426 O  O     . HOH D 3 .  ? 9.019   0.416   7.568   1.00 53.54 ? 1015 HOH A O     1 
HETATM 427 O  O     . HOH D 3 .  ? 4.768   -11.278 -4.850  1.00 56.87 ? 1017 HOH A O     1 
HETATM 428 O  O     . HOH D 3 .  ? -4.698  3.017   7.075   1.00 30.48 ? 1018 HOH A O     1 
HETATM 429 O  O     . HOH D 3 .  ? 3.459   5.292   6.004   1.00 49.94 ? 1020 HOH A O     1 
HETATM 430 O  O     . HOH D 3 .  ? 4.324   2.543   6.739   1.00 30.08 ? 1021 HOH A O     1 
HETATM 431 O  O     . HOH D 3 .  ? -3.994  1.137   8.576   1.00 55.11 ? 1029 HOH A O     1 
HETATM 432 O  O     . HOH D 3 .  ? -1.120  -2.144  5.395   1.00 34.56 ? 1030 HOH A O     1 
HETATM 433 O  O     . HOH D 3 .  ? 6.230   5.820   5.242   1.00 60.06 ? 1031 HOH A O     1 
HETATM 434 O  O     . HOH D 3 .  ? -2.145  4.027   -2.456  1.00 43.17 ? 1035 HOH A O     1 
HETATM 435 O  O     . HOH D 3 .  ? 5.668   3.808   0.007   1.00 38.72 ? 1036 HOH A O     1 
HETATM 436 O  O     . HOH D 3 .  ? -0.744  9.553   1.845   1.00 53.32 ? 1037 HOH A O     1 
HETATM 437 O  O     . HOH D 3 .  ? -3.808  -2.314  7.315   1.00 41.28 ? 1038 HOH A O     1 
HETATM 438 O  O     . HOH D 3 .  ? 1.515   6.370   5.081   1.00 43.73 ? 1039 HOH A O     1 
HETATM 439 O  O     . HOH D 3 .  ? -6.826  6.258   -9.135  1.00 48.55 ? 1040 HOH A O     1 
HETATM 440 O  O     . HOH D 3 .  ? -8.539  4.875   -8.202  1.00 34.06 ? 1041 HOH A O     1 
HETATM 441 O  O     . HOH D 3 .  ? 5.049   -8.882  4.226   1.00 48.95 ? 1045 HOH A O     1 
HETATM 442 O  O     . HOH D 3 .  ? -12.920 -0.351  -3.528  1.00 31.71 ? 1048 HOH A O     1 
HETATM 443 O  O     . HOH D 3 .  ? -9.176  8.154   -0.359  1.00 49.32 ? 1053 HOH A O     1 
HETATM 444 O  O     . HOH D 3 .  ? -13.924 -2.951  -3.805  1.00 52.30 ? 1055 HOH A O     1 
HETATM 445 O  O     . HOH D 3 .  ? -11.375 -0.616  -7.154  1.00 43.24 ? 1056 HOH A O     1 
HETATM 446 O  O     . HOH D 3 .  ? 3.276   -5.886  9.802   1.00 50.37 ? 1057 HOH A O     1 
HETATM 447 O  O     . HOH D 3 .  ? -3.723  11.599  1.046   1.00 39.95 ? 1058 HOH A O     1 
HETATM 448 O  O     . HOH D 3 .  ? -12.337 8.211   -1.352  1.00 47.95 ? 1061 HOH A O     1 
HETATM 449 O  O     . HOH D 3 .  ? 5.140   7.108   2.248   1.00 61.75 ? 1062 HOH A O     1 
HETATM 450 O  O     . HOH D 3 .  ? -1.470  -9.227  9.962   1.00 53.54 ? 1064 HOH A O     1 
HETATM 451 O  O     . HOH D 3 .  ? 0.472   6.221   0.244   1.00 47.32 ? 1065 HOH A O     1 
HETATM 452 O  O     . HOH D 3 .  ? -4.842  3.150   -9.613  1.00 43.39 ? 1069 HOH A O     1 
HETATM 453 O  O     . HOH D 3 .  ? -3.788  10.157  6.897   1.00 43.99 ? 1071 HOH A O     1 
HETATM 454 O  O     . HOH D 3 .  ? -1.233  -9.862  14.203  1.00 45.21 ? 1073 HOH A O     1 
HETATM 455 O  O     . HOH D 3 .  ? 12.634  -14.902 -11.419 1.00 56.92 ? 1078 HOH A O     1 
HETATM 456 O  O     . HOH D 3 .  ? 3.799   -7.050  6.791   1.00 52.22 ? 1082 HOH A O     1 
HETATM 457 O  O     . HOH D 3 .  ? 4.658   -13.173 7.599   1.00 44.93 ? 1084 HOH A O     1 
HETATM 458 O  O     . HOH D 3 .  ? -0.138  -12.756 12.206  1.00 43.91 ? 1085 HOH A O     1 
HETATM 459 O  O     . HOH D 3 .  ? -5.771  11.812  6.667   1.00 55.84 ? 1090 HOH A O     1 
HETATM 460 O  O     . HOH D 3 .  ? 8.679   -14.192 -8.786  1.00 53.68 ? 1094 HOH A O     1 
HETATM 461 O  O     . HOH D 3 .  ? -4.926  7.661   7.073   1.00 53.22 ? 1096 HOH A O     1 
HETATM 462 O  O     . HOH D 3 .  ? 9.602   -1.547  -6.431  1.00 46.82 ? 1097 HOH A O     1 
HETATM 463 O  O     . HOH D 3 .  ? 2.729   -13.242 9.487   1.00 42.60 ? 1098 HOH A O     1 
HETATM 464 O  O     . HOH D 3 .  ? 2.784   -7.516  11.408  1.00 51.33 ? 1099 HOH A O     1 
HETATM 465 O  O     . HOH D 3 .  ? 12.089  -3.146  -7.343  1.00 38.91 ? 1101 HOH A O     1 
HETATM 466 O  O     . HOH D 3 .  ? -6.641  6.350   -6.846  1.00 47.13 ? 1102 HOH A O     1 
HETATM 467 O  O     . HOH D 3 .  ? 2.642   3.779   -0.709  1.00 51.89 ? 1103 HOH A O     1 
HETATM 468 O  O     . HOH D 3 .  ? -14.794 1.705   -5.688  1.00 44.93 ? 1104 HOH A O     1 
HETATM 469 O  O     . HOH D 3 .  ? 1.780   -10.307 10.650  1.00 49.05 ? 1106 HOH A O     1 
HETATM 470 O  O     . HOH D 3 .  ? 3.837   -11.334 10.663  1.00 49.33 ? 1108 HOH A O     1 
HETATM 471 O  O     . HOH D 3 .  ? 14.615  -1.448  -5.962  1.00 47.26 ? 1112 HOH A O     1 
HETATM 472 O  O     . HOH D 3 .  ? 2.306   -13.105 -5.171  1.00 58.10 ? 1116 HOH A O     1 
HETATM 473 O  O     . HOH D 3 .  ? 7.632   4.329   8.137   0.50 40.76 ? 1117 HOH A O     1 
HETATM 474 O  O     . HOH D 3 .  ? 8.336   4.267   5.090   1.00 50.56 ? 1120 HOH A O     1 
HETATM 475 O  O     . HOH D 3 .  ? -5.522  13.533  9.094   1.00 45.02 ? 1121 HOH A O     1 
HETATM 476 O  O     . HOH D 3 .  ? 11.908  -13.724 -8.857  1.00 52.81 ? 1122 HOH A O     1 
HETATM 477 O  O     . HOH D 3 .  ? -6.456  11.835  -2.624  1.00 47.81 ? 1124 HOH A O     1 
HETATM 478 O  O     . HOH D 3 .  ? 14.821  -13.420 -6.460  1.00 63.82 ? 1126 HOH A O     1 
HETATM 479 O  O     . HOH D 3 .  ? 1.970   8.377   -1.219  1.00 54.11 ? 1127 HOH A O     1 
HETATM 480 O  O     . HOH D 3 .  ? 1.232   -9.170  13.401  1.00 53.11 ? 1128 HOH A O     1 
HETATM 481 O  O     . HOH D 3 .  ? 2.000   -10.740 7.372   1.00 64.53 ? 1130 HOH A O     1 
HETATM 482 O  O     . HOH D 3 .  ? 1.139   -12.552 5.420   1.00 48.52 ? 1131 HOH A O     1 
HETATM 483 O  O     . HOH D 3 .  ? 10.808  -4.717  2.181   1.00 43.32 ? 1132 HOH A O     1 
HETATM 484 O  O     . HOH E 3 .  ? -7.861  7.882   1.506   1.00 30.43 ? 1001 HOH B O     1 
HETATM 485 O  O     . HOH E 3 .  ? 0.168   -6.070  -0.895  1.00 57.97 ? 1002 HOH B O     1 
HETATM 486 O  O     . HOH E 3 .  ? -10.974 -1.263  1.200   1.00 26.77 ? 1003 HOH B O     1 
HETATM 487 O  O     . HOH E 3 .  ? 3.031   -6.001  1.935   1.00 45.28 ? 1006 HOH B O     1 
HETATM 488 O  O     . HOH E 3 .  ? -12.699 9.840   3.417   1.00 33.39 ? 1007 HOH B O     1 
HETATM 489 O  O     . HOH E 3 .  ? 4.266   -7.494  -4.302  1.00 33.95 ? 1010 HOH B O     1 
HETATM 490 O  O     . HOH E 3 .  ? 10.888  -1.791  4.226   1.00 37.15 ? 1013 HOH B O     1 
HETATM 491 O  O     . HOH E 3 .  ? -8.534  7.483   7.118   1.00 34.42 ? 1014 HOH B O     1 
HETATM 492 O  O     . HOH E 3 .  ? -6.414  -8.865  -3.854  1.00 53.37 ? 1016 HOH B O     1 
HETATM 493 O  O     . HOH E 3 .  ? -10.705 6.906   5.267   1.00 26.97 ? 1019 HOH B O     1 
HETATM 494 O  O     . HOH E 3 .  ? -10.814 15.662  4.232   1.00 38.93 ? 1022 HOH B O     1 
HETATM 495 O  O     . HOH E 3 .  ? 13.360  -0.812  3.824   1.00 32.62 ? 1023 HOH B O     1 
HETATM 496 O  O     . HOH E 3 .  ? -8.522  -6.846  -6.829  1.00 43.19 ? 1024 HOH B O     1 
HETATM 497 O  O     . HOH E 3 .  ? 0.584   -7.257  -2.819  1.00 53.52 ? 1025 HOH B O     1 
HETATM 498 O  O     . HOH E 3 .  ? -8.667  -5.907  6.645   1.00 36.16 ? 1026 HOH B O     1 
HETATM 499 O  O     . HOH E 3 .  ? -5.301  -3.036  -6.728  1.00 46.53 ? 1027 HOH B O     1 
HETATM 500 O  O     . HOH E 3 .  ? -7.732  6.834   10.304  1.00 48.12 ? 1028 HOH B O     1 
HETATM 501 O  O     . HOH E 3 .  ? -8.528  14.348  7.426   1.00 40.35 ? 1032 HOH B O     1 
HETATM 502 O  O     . HOH E 3 .  ? -0.420  4.157   -9.735  1.00 51.08 ? 1033 HOH B O     1 
HETATM 503 O  O     . HOH E 3 .  ? 9.306   8.701   0.094   1.00 44.55 ? 1034 HOH B O     1 
HETATM 504 O  O     . HOH E 3 .  ? -12.516 5.017   13.881  1.00 34.81 ? 1042 HOH B O     1 
HETATM 505 O  O     . HOH E 3 .  ? -0.990  -3.669  2.732   1.00 48.44 ? 1043 HOH B O     1 
HETATM 506 O  O     . HOH E 3 .  ? -7.312  -3.638  -5.790  1.00 45.16 ? 1044 HOH B O     1 
HETATM 507 O  O     . HOH E 3 .  ? -3.770  3.004   -5.151  1.00 34.26 ? 1046 HOH B O     1 
HETATM 508 O  O     . HOH E 3 .  ? -6.828  4.842   7.261   1.00 26.70 ? 1047 HOH B O     1 
HETATM 509 O  O     . HOH E 3 .  ? -9.185  -8.441  -5.312  1.00 53.60 ? 1049 HOH B O     1 
HETATM 510 O  O     . HOH E 3 .  ? -8.053  -5.763  -2.633  1.00 35.37 ? 1050 HOH B O     1 
HETATM 511 O  O     . HOH E 3 .  ? 12.863  4.065   2.814   1.00 47.80 ? 1051 HOH B O     1 
HETATM 512 O  O     . HOH E 3 .  ? -8.663  11.243  6.824   1.00 44.90 ? 1052 HOH B O     1 
HETATM 513 O  O     . HOH E 3 .  ? 1.038   -9.044  -0.365  1.00 48.79 ? 1054 HOH B O     1 
HETATM 514 O  O     . HOH E 3 .  ? 9.236   5.097   2.674   1.00 47.64 ? 1059 HOH B O     1 
HETATM 515 O  O     . HOH E 3 .  ? 1.044   0.304   -6.081  1.00 57.53 ? 1060 HOH B O     1 
HETATM 516 O  O     . HOH E 3 .  ? 10.006  1.775   5.999   1.00 30.01 ? 1063 HOH B O     1 
HETATM 517 O  O     . HOH E 3 .  ? -2.406  2.416   -7.607  1.00 45.69 ? 1066 HOH B O     1 
HETATM 518 O  O     . HOH E 3 .  ? -12.132 -5.069  3.217   1.00 48.41 ? 1067 HOH B O     1 
HETATM 519 O  O     . HOH E 3 .  ? 13.011  6.156   3.754   1.00 57.90 ? 1068 HOH B O     1 
HETATM 520 O  O     . HOH E 3 .  ? -7.000  10.243  1.078   1.00 40.94 ? 1070 HOH B O     1 
HETATM 521 O  O     . HOH E 3 .  ? 0.675   -3.660  -11.636 1.00 44.69 ? 1072 HOH B O     1 
HETATM 522 O  O     . HOH E 3 .  ? 10.916  6.658   2.806   1.00 32.59 ? 1074 HOH B O     1 
HETATM 523 O  O     . HOH E 3 .  ? -6.459  9.590   4.355   1.00 35.95 ? 1075 HOH B O     1 
HETATM 524 O  O     . HOH E 3 .  ? -9.566  -8.199  -8.523  1.00 43.99 ? 1076 HOH B O     1 
HETATM 525 O  O     . HOH E 3 .  ? -9.980  11.104  4.631   1.00 43.89 ? 1077 HOH B O     1 
HETATM 526 O  O     . HOH E 3 .  ? -1.154  -5.693  1.397   1.00 52.18 ? 1079 HOH B O     1 
HETATM 527 O  O     . HOH E 3 .  ? 14.275  8.302   5.834   1.00 47.39 ? 1080 HOH B O     1 
HETATM 528 O  O     . HOH E 3 .  ? -9.463  -2.861  -5.587  1.00 44.37 ? 1081 HOH B O     1 
HETATM 529 O  O     . HOH E 3 .  ? 12.253  1.452   -7.770  1.00 51.32 ? 1083 HOH B O     1 
HETATM 530 O  O     . HOH E 3 .  ? -4.263  5.239   -6.301  1.00 38.63 ? 1086 HOH B O     1 
HETATM 531 O  O     . HOH E 3 .  ? -10.399 -4.803  -2.079  1.00 38.45 ? 1087 HOH B O     1 
HETATM 532 O  O     . HOH E 3 .  ? -15.781 1.434   13.723  1.00 43.10 ? 1088 HOH B O     1 
HETATM 533 O  O     . HOH E 3 .  ? -14.055 -1.111  3.205   1.00 40.72 ? 1089 HOH B O     1 
HETATM 534 O  O     . HOH E 3 .  ? 5.052   -8.115  -8.762  1.00 55.26 ? 1091 HOH B O     1 
HETATM 535 O  O     . HOH E 3 .  ? 7.067   11.874  3.195   1.00 49.52 ? 1092 HOH B O     1 
HETATM 536 O  O     . HOH E 3 .  ? -10.230 -6.294  -4.719  1.00 45.54 ? 1093 HOH B O     1 
HETATM 537 O  O     . HOH E 3 .  ? -10.255 -10.890 -6.678  1.00 55.91 ? 1095 HOH B O     1 
HETATM 538 O  O     . HOH E 3 .  ? 8.304   5.915   -2.323  1.00 43.63 ? 1100 HOH B O     1 
HETATM 539 O  O     . HOH E 3 .  ? 2.637   -9.532  -4.495  1.00 53.96 ? 1105 HOH B O     1 
HETATM 540 O  O     . HOH E 3 .  ? -6.860  -5.919  -5.034  1.00 39.28 ? 1107 HOH B O     1 
HETATM 541 O  O     . HOH E 3 .  ? -11.704 -7.957  -7.711  1.00 53.32 ? 1109 HOH B O     1 
HETATM 542 O  O     . HOH E 3 .  ? 4.903   2.914   -8.898  1.00 45.63 ? 1110 HOH B O     1 
HETATM 543 O  O     . HOH E 3 .  ? -8.240  -12.249 -3.568  1.00 44.85 ? 1111 HOH B O     1 
HETATM 544 O  O     . HOH E 3 .  ? 1.715   4.929   -7.331  1.00 43.78 ? 1113 HOH B O     1 
HETATM 545 O  O     . HOH E 3 .  ? 10.858  3.415   -7.945  1.00 51.74 ? 1114 HOH B O     1 
HETATM 546 O  O     . HOH E 3 .  ? 8.806   1.446   -8.558  1.00 45.37 ? 1115 HOH B O     1 
HETATM 547 O  O     . HOH E 3 .  ? -9.161  -8.294  6.510   1.00 58.94 ? 1118 HOH B O     1 
HETATM 548 O  O     . HOH E 3 .  ? 8.432   3.883   -8.486  1.00 42.85 ? 1119 HOH B O     1 
HETATM 549 O  O     . HOH E 3 .  ? -9.229  11.222  2.448   1.00 42.26 ? 1123 HOH B O     1 
HETATM 550 O  O     . HOH E 3 .  ? 8.780   8.891   -3.971  1.00 49.73 ? 1125 HOH B O     1 
HETATM 551 O  O     . HOH E 3 .  ? 16.655  1.198   5.546   1.00 49.67 ? 1129 HOH B O     1 
HETATM 552 O  O     . HOH E 3 .  ? -15.061 4.352   11.983  1.00 52.54 ? 1133 HOH B O     1 
# 
loop_
_atom_site_anisotrop.id 
_atom_site_anisotrop.type_symbol 
_atom_site_anisotrop.pdbx_label_atom_id 
_atom_site_anisotrop.pdbx_label_alt_id 
_atom_site_anisotrop.pdbx_label_comp_id 
_atom_site_anisotrop.pdbx_label_asym_id 
_atom_site_anisotrop.pdbx_label_seq_id 
_atom_site_anisotrop.pdbx_PDB_ins_code 
_atom_site_anisotrop.U[1][1] 
_atom_site_anisotrop.U[2][2] 
_atom_site_anisotrop.U[3][3] 
_atom_site_anisotrop.U[1][2] 
_atom_site_anisotrop.U[1][3] 
_atom_site_anisotrop.U[2][3] 
_atom_site_anisotrop.pdbx_auth_seq_id 
_atom_site_anisotrop.pdbx_auth_comp_id 
_atom_site_anisotrop.pdbx_auth_asym_id 
_atom_site_anisotrop.pdbx_auth_atom_id 
108 BR BR . BRU A 6 ? 0.4081 0.6818 0.4406 0.0631  -0.0396 -0.1069 6  BRU A BR 
314 BR BR . BRU B 6 ? 0.3605 0.5837 0.3925 0.0395  -0.0190 -0.0559 16 BRU B BR 
413 CO CO . NCO C . ? 0.2643 0.4026 0.2386 -0.0127 -0.0007 -0.0216 21 NCO A CO 
# 
